data_7F7H
#
_entry.id   7F7H
#
_cell.length_a   55.772
_cell.length_b   75.660
_cell.length_c   181.544
_cell.angle_alpha   90.000
_cell.angle_beta   92.260
_cell.angle_gamma   90.000
#
_symmetry.space_group_name_H-M   'P 1 21 1'
#
loop_
_entity.id
_entity.type
_entity.pdbx_description
1 polymer 'Heavy chain of A8-1 Fab'
2 polymer 'Light chain of A8-1 Fab'
3 polymer 'Spike glycoprotein S1'
#
loop_
_entity_poly.entity_id
_entity_poly.type
_entity_poly.pdbx_seq_one_letter_code
_entity_poly.pdbx_strand_id
1 'polypeptide(L)'
;EVQLVESGGGLIQPGGSLRLSCAASGLTVSSNYMTWVRQAPGKGLEWVSVIYSGGSTFYAESVKGRFTISRDNSKNTLYL
QMNSLRAEDTAVYYCARDLVVYGMDVWGQGTTVIVSSASTKGPSVFPLAPSSKSTSGGTAALGCLVKDYFPEPVTVSWNS
GALTSGVHTFPAVLQSSGLYSLSSVVTVPSSSLGTQTYICNVNHKPSNTKVDKKVEPK
;
A,C
2 'polypeptide(L)'
;IQLTQSPSFLSASVGDRVTITCRASQGISSDLAWYQQKPGKAPKLLIYAASTLQSGVPSRFSGSGSGTEFTLTISSLQPE
DFATYYCQQLNSHPLAFGPGTKVDIKRTVAAPSVFIFPPSDEQLKSGTASVVCLLNNFYPREAKVQWKVDNALQSGNSQE
SVTEQDSKDSTYSLSSTLTLSKADYEKHKVYACEVTHQGLSSPVTKSFNRGE
;
B,D
3 'polypeptide(L)'
;NLCPFGEVFNATRFASVYAWNRKRISNCVADYSVLYNSASFSTFKCYGVSPTKLNDLCFTNVYADSFVIRGDEVRQIAPG
QTGKIADYNYKLPDDFTGCVIAWNSNNLDSKVGGNYNYLYRLFRKSNLKPFERDISTEIYQAGSTPCNGVEGFNCYFPLQ
SYGFQPTNGVGYQPYRVVVLSF
;
E,F
#
# COMPACT_ATOMS: atom_id res chain seq x y z
N GLU A 1 21.51 -28.89 -28.96
CA GLU A 1 20.93 -28.23 -27.78
C GLU A 1 21.98 -28.36 -26.67
N VAL A 2 22.03 -27.44 -25.69
CA VAL A 2 23.01 -27.48 -24.61
C VAL A 2 22.30 -27.92 -23.34
N GLN A 3 22.44 -29.18 -22.96
CA GLN A 3 21.74 -29.68 -21.79
C GLN A 3 22.63 -30.62 -21.02
N LEU A 4 22.37 -30.70 -19.73
CA LEU A 4 22.82 -31.78 -18.89
C LEU A 4 21.56 -32.36 -18.28
N VAL A 5 21.25 -33.62 -18.60
CA VAL A 5 20.03 -34.25 -18.13
C VAL A 5 20.40 -35.34 -17.13
N GLU A 6 19.90 -35.21 -15.91
CA GLU A 6 20.27 -36.13 -14.85
C GLU A 6 19.17 -37.18 -14.61
N SER A 7 19.57 -38.23 -13.91
CA SER A 7 18.68 -39.35 -13.69
C SER A 7 19.32 -40.22 -12.63
N GLY A 8 18.50 -41.06 -12.02
CA GLY A 8 19.01 -42.03 -11.07
C GLY A 8 18.78 -41.71 -9.62
N GLY A 9 18.20 -40.57 -9.31
CA GLY A 9 17.87 -40.30 -7.93
C GLY A 9 16.62 -41.03 -7.51
N GLY A 10 16.44 -41.14 -6.19
CA GLY A 10 15.28 -41.83 -5.68
C GLY A 10 15.34 -42.08 -4.20
N LEU A 11 14.90 -43.26 -3.77
CA LEU A 11 14.79 -43.61 -2.36
C LEU A 11 15.75 -44.72 -2.00
N ILE A 12 16.56 -44.52 -0.96
CA ILE A 12 17.63 -45.46 -0.63
C ILE A 12 17.81 -45.53 0.88
N GLN A 13 17.93 -46.74 1.40
CA GLN A 13 18.17 -46.93 2.83
C GLN A 13 19.61 -46.57 3.18
N PRO A 14 19.88 -46.17 4.42
CA PRO A 14 21.25 -45.82 4.78
C PRO A 14 22.23 -46.98 4.59
N GLY A 15 23.45 -46.63 4.21
CA GLY A 15 24.45 -47.60 3.83
C GLY A 15 24.31 -48.13 2.43
N GLY A 16 23.20 -47.87 1.76
CA GLY A 16 22.99 -48.39 0.42
C GLY A 16 23.88 -47.67 -0.58
N SER A 17 23.56 -47.86 -1.85
CA SER A 17 24.35 -47.26 -2.92
C SER A 17 23.45 -46.83 -4.06
N LEU A 18 23.90 -45.81 -4.79
CA LEU A 18 23.12 -45.23 -5.89
C LEU A 18 24.07 -44.61 -6.92
N ARG A 19 23.67 -44.64 -8.19
CA ARG A 19 24.50 -44.10 -9.25
C ARG A 19 23.71 -43.07 -10.03
N LEU A 20 24.20 -41.83 -10.04
CA LEU A 20 23.58 -40.72 -10.75
C LEU A 20 24.26 -40.52 -12.09
N SER A 21 23.46 -40.28 -13.11
CA SER A 21 23.93 -40.10 -14.47
C SER A 21 23.74 -38.65 -14.89
N CYS A 22 24.69 -38.12 -15.66
CA CYS A 22 24.50 -36.84 -16.32
C CYS A 22 24.69 -37.04 -17.81
N ALA A 23 23.61 -36.96 -18.55
CA ALA A 23 23.65 -37.13 -19.99
C ALA A 23 23.83 -35.76 -20.61
N ALA A 24 24.95 -35.56 -21.28
CA ALA A 24 25.31 -34.25 -21.78
C ALA A 24 24.97 -34.14 -23.25
N SER A 25 24.69 -32.92 -23.69
CA SER A 25 24.52 -32.62 -25.09
C SER A 25 24.84 -31.15 -25.30
N GLY A 26 25.62 -30.84 -26.33
CA GLY A 26 26.11 -29.50 -26.53
C GLY A 26 27.51 -29.26 -25.99
N LEU A 27 28.02 -30.15 -25.14
CA LEU A 27 29.38 -30.09 -24.59
C LEU A 27 29.90 -31.51 -24.34
N THR A 28 31.18 -31.71 -24.63
CA THR A 28 31.82 -33.02 -24.43
C THR A 28 32.30 -33.10 -22.99
N VAL A 29 31.89 -34.16 -22.28
CA VAL A 29 32.23 -34.25 -20.85
C VAL A 29 33.68 -34.69 -20.67
N SER A 30 34.19 -35.42 -21.65
CA SER A 30 35.58 -35.87 -21.64
C SER A 30 36.54 -34.71 -21.75
N SER A 31 36.07 -33.59 -22.26
CA SER A 31 36.92 -32.45 -22.55
C SER A 31 36.80 -31.34 -21.52
N ASN A 32 36.12 -31.56 -20.39
CA ASN A 32 35.71 -30.46 -19.53
C ASN A 32 35.89 -30.76 -18.04
N TYR A 33 36.04 -29.70 -17.24
CA TYR A 33 35.82 -29.78 -15.80
C TYR A 33 34.33 -29.99 -15.55
N MET A 34 33.94 -31.19 -15.17
CA MET A 34 32.58 -31.48 -14.77
C MET A 34 32.53 -31.62 -13.27
N THR A 35 31.40 -31.26 -12.69
CA THR A 35 31.35 -31.12 -11.25
C THR A 35 30.00 -31.60 -10.75
N TRP A 36 30.01 -32.19 -9.55
CA TRP A 36 28.79 -32.59 -8.86
C TRP A 36 28.57 -31.65 -7.67
N VAL A 37 27.39 -31.07 -7.60
CA VAL A 37 27.00 -30.14 -6.57
C VAL A 37 25.70 -30.65 -5.93
N ARG A 38 25.52 -30.37 -4.65
CA ARG A 38 24.29 -30.74 -3.98
C ARG A 38 23.72 -29.58 -3.18
N GLN A 39 22.46 -29.74 -2.81
CA GLN A 39 21.70 -28.76 -2.04
C GLN A 39 20.88 -29.57 -1.06
N ALA A 40 21.33 -29.64 0.19
CA ALA A 40 20.50 -30.29 1.20
C ALA A 40 19.26 -29.45 1.44
N PRO A 41 18.14 -30.04 1.89
CA PRO A 41 16.89 -29.28 1.99
C PRO A 41 17.05 -28.03 2.86
N GLY A 42 16.61 -26.91 2.34
CA GLY A 42 16.74 -25.65 3.04
C GLY A 42 18.17 -25.20 3.25
N LYS A 43 19.08 -25.57 2.36
CA LYS A 43 20.49 -25.24 2.52
C LYS A 43 21.03 -24.67 1.21
N GLY A 44 22.27 -24.18 1.25
CA GLY A 44 22.90 -23.63 0.07
C GLY A 44 23.55 -24.71 -0.75
N LEU A 45 24.26 -24.28 -1.79
CA LEU A 45 24.98 -25.23 -2.63
C LEU A 45 26.24 -25.75 -1.93
N GLU A 46 26.67 -26.95 -2.33
CA GLU A 46 27.85 -27.57 -1.72
C GLU A 46 28.55 -28.45 -2.74
N TRP A 47 29.85 -28.20 -2.93
CA TRP A 47 30.65 -28.99 -3.86
C TRP A 47 30.83 -30.44 -3.38
N VAL A 48 30.57 -31.38 -4.27
CA VAL A 48 30.68 -32.81 -3.99
C VAL A 48 31.97 -33.34 -4.61
N SER A 49 32.05 -33.30 -5.94
CA SER A 49 33.18 -33.83 -6.65
C SER A 49 33.39 -33.05 -7.95
N VAL A 50 34.61 -33.14 -8.47
CA VAL A 50 34.97 -32.59 -9.75
C VAL A 50 35.92 -33.57 -10.43
N ILE A 51 35.79 -33.72 -11.74
CA ILE A 51 36.71 -34.50 -12.56
C ILE A 51 37.24 -33.60 -13.67
N TYR A 52 38.57 -33.60 -13.84
CA TYR A 52 39.24 -32.81 -14.85
C TYR A 52 39.24 -33.55 -16.20
N SER A 53 39.49 -32.81 -17.29
CA SER A 53 39.47 -33.47 -18.61
C SER A 53 40.59 -34.49 -18.77
N GLY A 54 41.75 -34.24 -18.17
CA GLY A 54 42.79 -35.25 -18.21
C GLY A 54 42.56 -36.40 -17.25
N GLY A 55 41.55 -36.31 -16.39
CA GLY A 55 41.14 -37.44 -15.61
C GLY A 55 41.39 -37.35 -14.13
N SER A 56 42.10 -36.34 -13.63
CA SER A 56 42.21 -36.20 -12.18
C SER A 56 40.82 -36.04 -11.55
N THR A 57 40.62 -36.65 -10.40
CA THR A 57 39.37 -36.47 -9.69
C THR A 57 39.64 -35.96 -8.28
N PHE A 58 38.79 -35.04 -7.82
CA PHE A 58 38.88 -34.52 -6.46
C PHE A 58 37.53 -34.59 -5.78
N TYR A 59 37.55 -34.61 -4.45
CA TYR A 59 36.38 -34.89 -3.63
C TYR A 59 36.32 -33.99 -2.40
N ALA A 60 35.09 -33.61 -2.03
CA ALA A 60 34.87 -32.93 -0.76
C ALA A 60 35.16 -33.87 0.39
N GLU A 61 35.86 -33.36 1.42
CA GLU A 61 36.40 -34.24 2.46
C GLU A 61 35.32 -35.15 3.04
N SER A 62 34.09 -34.64 3.14
CA SER A 62 32.94 -35.36 3.69
C SER A 62 32.46 -36.51 2.81
N VAL A 63 33.02 -36.68 1.62
CA VAL A 63 32.56 -37.76 0.75
C VAL A 63 33.73 -38.59 0.23
N LYS A 64 34.94 -38.34 0.72
CA LYS A 64 36.09 -39.10 0.24
C LYS A 64 35.89 -40.57 0.57
N GLY A 65 36.16 -41.43 -0.39
CA GLY A 65 35.95 -42.86 -0.18
C GLY A 65 34.57 -43.37 -0.54
N ARG A 66 33.53 -42.68 -0.08
CA ARG A 66 32.17 -43.16 -0.34
C ARG A 66 31.72 -42.91 -1.77
N PHE A 67 31.98 -41.72 -2.30
CA PHE A 67 31.50 -41.34 -3.63
C PHE A 67 32.59 -41.59 -4.68
N THR A 68 32.15 -41.76 -5.93
CA THR A 68 33.06 -41.94 -7.05
C THR A 68 32.51 -41.25 -8.29
N ILE A 69 33.28 -40.34 -8.83
CA ILE A 69 32.93 -39.64 -10.06
C ILE A 69 33.57 -40.38 -11.24
N SER A 70 32.88 -40.43 -12.38
CA SER A 70 33.33 -41.23 -13.51
C SER A 70 32.74 -40.64 -14.77
N ARG A 71 33.30 -41.04 -15.91
CA ARG A 71 32.74 -40.61 -17.19
C ARG A 71 32.88 -41.71 -18.23
N ASP A 72 32.05 -41.61 -19.26
CA ASP A 72 31.96 -42.59 -20.34
C ASP A 72 32.01 -41.82 -21.67
N ASN A 73 33.21 -41.69 -22.25
CA ASN A 73 33.36 -40.88 -23.46
C ASN A 73 32.43 -41.34 -24.56
N SER A 74 32.16 -42.65 -24.64
CA SER A 74 31.31 -43.20 -25.70
C SER A 74 29.89 -42.69 -25.60
N LYS A 75 29.32 -42.74 -24.39
CA LYS A 75 27.94 -42.32 -24.13
C LYS A 75 27.81 -40.84 -23.84
N ASN A 76 28.94 -40.12 -23.68
CA ASN A 76 28.99 -38.69 -23.30
C ASN A 76 28.27 -38.43 -21.98
N THR A 77 28.63 -39.20 -20.96
CA THR A 77 27.90 -39.19 -19.70
C THR A 77 28.88 -39.14 -18.54
N LEU A 78 28.48 -38.38 -17.52
CA LEU A 78 29.18 -38.22 -16.25
C LEU A 78 28.43 -39.00 -15.19
N TYR A 79 29.15 -39.64 -14.29
CA TYR A 79 28.54 -40.48 -13.28
C TYR A 79 28.95 -40.04 -11.90
N LEU A 80 28.03 -40.20 -10.95
CA LEU A 80 28.36 -40.11 -9.54
C LEU A 80 27.88 -41.40 -8.87
N GLN A 81 28.83 -42.24 -8.48
CA GLN A 81 28.55 -43.48 -7.76
C GLN A 81 28.59 -43.18 -6.27
N MET A 82 27.43 -43.27 -5.62
CA MET A 82 27.29 -43.00 -4.20
C MET A 82 27.24 -44.31 -3.43
N ASN A 83 28.23 -44.53 -2.56
CA ASN A 83 28.31 -45.70 -1.67
C ASN A 83 28.24 -45.28 -0.22
N SER A 84 27.82 -46.23 0.63
CA SER A 84 27.72 -46.04 2.07
C SER A 84 26.95 -44.75 2.38
N LEU A 85 25.72 -44.70 1.86
CA LEU A 85 24.90 -43.51 1.91
C LEU A 85 24.40 -43.24 3.33
N ARG A 86 24.16 -41.97 3.59
CA ARG A 86 23.88 -41.50 4.94
C ARG A 86 22.67 -40.57 4.94
N ALA A 87 22.03 -40.48 6.11
CA ALA A 87 20.88 -39.61 6.24
C ALA A 87 21.25 -38.18 5.87
N GLU A 88 22.51 -37.80 6.06
CA GLU A 88 22.95 -36.47 5.70
C GLU A 88 23.30 -36.34 4.23
N ASP A 89 23.17 -37.42 3.45
CA ASP A 89 23.36 -37.33 2.00
C ASP A 89 22.07 -36.99 1.26
N THR A 90 20.94 -36.91 1.97
CA THR A 90 19.68 -36.49 1.36
C THR A 90 19.82 -35.10 0.79
N ALA A 91 19.55 -34.93 -0.51
CA ALA A 91 19.71 -33.61 -1.12
C ALA A 91 19.28 -33.70 -2.56
N VAL A 92 19.23 -32.55 -3.22
CA VAL A 92 19.14 -32.51 -4.67
C VAL A 92 20.56 -32.40 -5.19
N TYR A 93 20.91 -33.28 -6.13
CA TYR A 93 22.25 -33.35 -6.70
C TYR A 93 22.25 -32.71 -8.06
N TYR A 94 23.10 -31.69 -8.22
CA TYR A 94 23.19 -30.91 -9.44
C TYR A 94 24.47 -31.25 -10.18
N CYS A 95 24.37 -31.26 -11.50
CA CYS A 95 25.47 -31.62 -12.36
C CYS A 95 25.81 -30.39 -13.20
N ALA A 96 27.06 -29.92 -13.14
CA ALA A 96 27.39 -28.66 -13.80
C ALA A 96 28.69 -28.74 -14.59
N ARG A 97 28.82 -27.84 -15.55
CA ARG A 97 30.06 -27.67 -16.31
C ARG A 97 30.80 -26.43 -15.82
N ASP A 98 32.08 -26.56 -15.60
CA ASP A 98 32.87 -25.52 -14.97
C ASP A 98 33.93 -25.05 -15.96
N LEU A 99 33.74 -23.86 -16.50
CA LEU A 99 34.86 -23.13 -17.13
C LEU A 99 35.48 -22.34 -15.99
N VAL A 100 36.63 -22.79 -15.50
CA VAL A 100 37.03 -22.40 -14.14
C VAL A 100 37.08 -20.87 -14.01
N VAL A 101 37.70 -20.20 -14.98
CA VAL A 101 37.84 -18.76 -14.94
C VAL A 101 36.60 -18.04 -15.47
N TYR A 102 35.65 -18.76 -16.04
CA TYR A 102 34.45 -18.17 -16.64
C TYR A 102 33.14 -18.65 -15.98
N GLY A 103 33.19 -19.17 -14.74
CA GLY A 103 31.98 -19.60 -14.06
C GLY A 103 31.42 -20.95 -14.50
N MET A 104 30.31 -21.33 -13.89
CA MET A 104 29.62 -22.59 -14.21
C MET A 104 28.33 -22.29 -14.97
N ASP A 105 28.44 -22.31 -16.30
CA ASP A 105 27.37 -21.79 -17.13
C ASP A 105 26.27 -22.80 -17.39
N VAL A 106 26.57 -24.10 -17.43
CA VAL A 106 25.60 -25.09 -17.88
C VAL A 106 25.30 -26.02 -16.72
N TRP A 107 24.07 -25.99 -16.22
CA TRP A 107 23.71 -26.81 -15.07
C TRP A 107 22.75 -27.90 -15.49
N GLY A 108 22.52 -28.82 -14.59
CA GLY A 108 21.56 -29.89 -14.81
C GLY A 108 20.24 -29.58 -14.15
N GLN A 109 19.20 -30.32 -14.54
CA GLN A 109 17.89 -30.07 -13.96
C GLN A 109 17.85 -30.37 -12.47
N GLY A 110 18.70 -31.28 -12.03
CA GLY A 110 18.69 -31.72 -10.65
C GLY A 110 18.03 -33.07 -10.53
N THR A 111 18.40 -33.79 -9.49
CA THR A 111 17.84 -35.10 -9.24
C THR A 111 17.88 -35.35 -7.74
N THR A 112 16.78 -35.85 -7.20
CA THR A 112 16.59 -35.92 -5.75
C THR A 112 16.98 -37.28 -5.22
N VAL A 113 17.69 -37.27 -4.10
CA VAL A 113 18.17 -38.45 -3.42
C VAL A 113 17.71 -38.35 -1.98
N ILE A 114 16.84 -39.26 -1.57
CA ILE A 114 16.31 -39.31 -0.21
C ILE A 114 16.95 -40.54 0.41
N VAL A 115 17.67 -40.35 1.50
CA VAL A 115 18.25 -41.45 2.24
C VAL A 115 17.43 -41.63 3.49
N SER A 116 16.72 -42.75 3.57
CA SER A 116 15.90 -43.07 4.73
C SER A 116 15.69 -44.57 4.75
N SER A 117 15.39 -45.09 5.94
CA SER A 117 15.13 -46.51 6.13
C SER A 117 13.65 -46.83 6.27
N ALA A 118 12.76 -45.96 5.79
CA ALA A 118 11.38 -45.91 6.27
C ALA A 118 10.43 -46.89 5.57
N SER A 119 10.29 -46.76 4.25
CA SER A 119 9.57 -47.76 3.43
C SER A 119 8.04 -47.77 3.66
N THR A 120 7.41 -46.60 3.49
CA THR A 120 5.96 -46.42 3.42
C THR A 120 5.13 -46.71 4.66
N LYS A 121 4.93 -45.69 5.49
CA LYS A 121 3.94 -45.74 6.56
C LYS A 121 3.10 -44.47 6.56
N GLY A 122 1.84 -44.61 7.00
CA GLY A 122 0.90 -43.52 7.05
C GLY A 122 0.95 -42.71 8.32
N PRO A 123 0.51 -41.46 8.23
CA PRO A 123 0.76 -40.51 9.32
C PRO A 123 -0.13 -40.75 10.53
N SER A 124 0.37 -40.30 11.67
CA SER A 124 -0.42 -40.21 12.90
C SER A 124 -0.73 -38.73 13.11
N VAL A 125 -2.02 -38.40 13.22
CA VAL A 125 -2.48 -37.02 13.25
C VAL A 125 -2.83 -36.62 14.67
N PHE A 126 -2.25 -35.51 15.15
CA PHE A 126 -2.47 -35.10 16.52
C PHE A 126 -2.99 -33.67 16.59
N PRO A 127 -3.90 -33.41 17.52
CA PRO A 127 -4.55 -32.10 17.57
C PRO A 127 -3.66 -31.06 18.23
N LEU A 128 -3.54 -29.89 17.60
CA LEU A 128 -2.92 -28.75 18.26
C LEU A 128 -4.03 -27.98 18.95
N ALA A 129 -4.32 -28.37 20.18
CA ALA A 129 -5.44 -27.80 20.91
C ALA A 129 -5.22 -26.29 21.14
N PRO A 130 -6.26 -25.48 20.96
CA PRO A 130 -6.18 -24.05 21.33
C PRO A 130 -6.21 -23.82 22.84
N SER A 131 -6.31 -22.57 23.29
CA SER A 131 -6.48 -22.27 24.73
C SER A 131 -7.30 -20.99 24.88
N SER A 132 -7.26 -20.40 26.08
CA SER A 132 -7.93 -19.12 26.34
C SER A 132 -6.95 -18.06 26.89
C GLY A 138 -9.31 -13.01 18.27
N THR A 139 -8.14 -13.60 18.00
CA THR A 139 -8.02 -14.77 17.13
C THR A 139 -7.30 -15.88 17.88
N ALA A 140 -7.94 -17.03 17.99
CA ALA A 140 -7.23 -18.19 18.48
C ALA A 140 -6.64 -18.97 17.29
N ALA A 141 -5.76 -19.91 17.61
CA ALA A 141 -5.20 -20.77 16.58
C ALA A 141 -5.29 -22.21 17.03
N LEU A 142 -5.44 -23.08 16.04
CA LEU A 142 -5.51 -24.52 16.27
C LEU A 142 -4.95 -25.20 15.03
N GLY A 143 -4.62 -26.48 15.18
CA GLY A 143 -3.92 -27.12 14.09
C GLY A 143 -3.78 -28.61 14.27
N CYS A 144 -3.19 -29.24 13.26
CA CYS A 144 -2.95 -30.67 13.21
C CYS A 144 -1.46 -30.92 13.12
N LEU A 145 -0.95 -31.88 13.87
CA LEU A 145 0.44 -32.29 13.76
C LEU A 145 0.52 -33.63 13.03
N VAL A 146 0.92 -33.59 11.76
CA VAL A 146 0.94 -34.76 10.89
C VAL A 146 2.34 -35.37 10.99
N LYS A 147 2.45 -36.48 11.71
CA LYS A 147 3.73 -36.94 12.19
C LYS A 147 4.00 -38.36 11.74
N ASP A 148 5.26 -38.61 11.35
CA ASP A 148 5.79 -39.95 11.13
C ASP A 148 5.10 -40.66 9.98
N TYR A 149 5.28 -40.11 8.79
CA TYR A 149 4.76 -40.74 7.59
C TYR A 149 5.87 -40.84 6.56
N PHE A 150 5.65 -41.66 5.55
CA PHE A 150 6.64 -41.82 4.50
C PHE A 150 6.01 -42.57 3.34
N PRO A 151 6.34 -42.26 2.09
CA PRO A 151 7.12 -41.11 1.67
C PRO A 151 6.17 -39.92 1.56
N GLU A 152 6.66 -38.80 1.01
CA GLU A 152 5.79 -37.67 0.77
C GLU A 152 4.91 -37.95 -0.44
N PRO A 153 3.79 -37.21 -0.60
CA PRO A 153 3.25 -36.11 0.20
C PRO A 153 2.01 -36.50 0.99
N VAL A 154 1.54 -35.57 1.83
CA VAL A 154 0.21 -35.63 2.42
C VAL A 154 -0.50 -34.30 2.17
N THR A 155 -1.82 -34.39 1.94
CA THR A 155 -2.71 -33.24 1.83
C THR A 155 -3.42 -33.02 3.15
N VAL A 156 -3.70 -31.74 3.42
CA VAL A 156 -4.40 -31.30 4.62
C VAL A 156 -5.46 -30.30 4.20
N SER A 157 -6.72 -30.60 4.50
CA SER A 157 -7.80 -29.61 4.37
C SER A 157 -8.51 -29.51 5.71
N TRP A 158 -9.31 -28.46 5.86
CA TRP A 158 -10.06 -28.20 7.08
C TRP A 158 -11.56 -28.21 6.76
N ASN A 159 -12.33 -28.89 7.61
CA ASN A 159 -13.78 -29.02 7.45
C ASN A 159 -14.13 -29.51 6.05
N SER A 160 -13.41 -30.54 5.61
CA SER A 160 -13.69 -31.22 4.35
C SER A 160 -13.78 -30.23 3.19
N GLY A 161 -12.85 -29.28 3.19
CA GLY A 161 -12.76 -28.27 2.16
C GLY A 161 -13.50 -26.99 2.46
N ALA A 162 -14.37 -26.98 3.48
CA ALA A 162 -15.18 -25.79 3.77
C ALA A 162 -14.34 -24.59 4.20
N LEU A 163 -13.39 -24.82 5.09
CA LEU A 163 -12.54 -23.77 5.66
C LEU A 163 -11.19 -23.75 4.96
N THR A 164 -10.83 -22.61 4.38
CA THR A 164 -9.49 -22.45 3.80
C THR A 164 -8.81 -21.16 4.16
N SER A 165 -9.54 -20.12 4.57
CA SER A 165 -8.92 -18.83 4.78
C SER A 165 -8.20 -18.80 6.12
N GLY A 166 -6.92 -18.42 6.09
CA GLY A 166 -6.09 -18.42 7.25
C GLY A 166 -5.39 -19.73 7.54
N VAL A 167 -5.44 -20.69 6.62
CA VAL A 167 -4.83 -22.00 6.82
C VAL A 167 -3.39 -22.00 6.32
N HIS A 168 -2.47 -22.47 7.17
CA HIS A 168 -1.07 -22.62 6.80
C HIS A 168 -0.64 -24.06 7.04
N THR A 169 -0.20 -24.73 5.99
CA THR A 169 0.42 -26.05 6.12
C THR A 169 1.92 -25.89 5.87
N PHE A 170 2.72 -26.31 6.84
CA PHE A 170 4.16 -26.07 6.80
C PHE A 170 4.87 -27.13 5.96
N PRO A 171 6.05 -26.80 5.44
CA PRO A 171 6.80 -27.79 4.65
C PRO A 171 7.24 -28.98 5.50
N ALA A 172 7.18 -30.16 4.90
CA ALA A 172 7.55 -31.35 5.65
C ALA A 172 9.03 -31.35 5.95
N VAL A 173 9.37 -31.60 7.22
CA VAL A 173 10.74 -31.84 7.65
C VAL A 173 10.90 -33.35 7.81
N LEU A 174 11.84 -33.89 7.06
CA LEU A 174 12.26 -35.27 7.22
C LEU A 174 13.16 -35.32 8.44
N GLN A 175 12.67 -35.90 9.52
CA GLN A 175 13.45 -35.89 10.74
C GLN A 175 14.43 -37.05 10.74
N SER A 176 15.30 -37.05 11.74
CA SER A 176 16.33 -38.07 11.86
C SER A 176 15.74 -39.46 12.08
N SER A 177 14.46 -39.56 12.44
CA SER A 177 13.82 -40.87 12.48
C SER A 177 13.63 -41.46 11.09
N GLY A 178 13.84 -40.68 10.04
CA GLY A 178 13.60 -41.14 8.69
C GLY A 178 12.20 -40.92 8.18
N LEU A 179 11.31 -40.43 9.03
CA LEU A 179 9.93 -40.15 8.67
C LEU A 179 9.72 -38.65 8.53
N TYR A 180 8.82 -38.27 7.62
CA TYR A 180 8.46 -36.89 7.49
C TYR A 180 7.58 -36.47 8.66
N SER A 181 7.38 -35.17 8.77
CA SER A 181 6.49 -34.63 9.78
C SER A 181 6.13 -33.24 9.33
N LEU A 182 4.85 -32.91 9.38
CA LEU A 182 4.43 -31.54 9.12
C LEU A 182 3.36 -31.17 10.12
N SER A 183 3.11 -29.88 10.19
CA SER A 183 2.02 -29.33 10.97
C SER A 183 1.22 -28.41 10.09
N SER A 184 -0.09 -28.41 10.29
CA SER A 184 -1.01 -27.50 9.63
C SER A 184 -1.78 -26.73 10.68
N VAL A 185 -1.94 -25.43 10.45
CA VAL A 185 -2.64 -24.57 11.39
C VAL A 185 -3.57 -23.68 10.60
N VAL A 186 -4.61 -23.22 11.28
CA VAL A 186 -5.51 -22.19 10.79
C VAL A 186 -5.86 -21.33 11.98
N THR A 187 -5.98 -20.03 11.73
CA THR A 187 -6.40 -19.11 12.78
C THR A 187 -7.89 -18.80 12.58
N VAL A 188 -8.63 -18.82 13.68
CA VAL A 188 -10.08 -18.63 13.65
C VAL A 188 -10.43 -17.65 14.75
N PRO A 189 -11.57 -16.97 14.61
CA PRO A 189 -12.00 -16.06 15.67
C PRO A 189 -12.44 -16.84 16.91
N SER A 190 -11.96 -16.41 18.08
CA SER A 190 -12.12 -17.16 19.32
C SER A 190 -13.55 -17.26 19.81
N SER A 191 -14.44 -16.40 19.31
CA SER A 191 -15.86 -16.54 19.62
C SER A 191 -16.37 -17.93 19.25
N SER A 192 -15.90 -18.46 18.12
CA SER A 192 -16.38 -19.71 17.55
C SER A 192 -15.69 -20.94 18.11
N LEU A 193 -14.91 -20.80 19.19
CA LEU A 193 -14.20 -21.97 19.70
C LEU A 193 -15.19 -23.03 20.14
N GLY A 194 -15.99 -22.72 21.15
CA GLY A 194 -16.93 -23.68 21.72
C GLY A 194 -18.09 -24.07 20.81
N THR A 195 -18.34 -23.31 19.74
CA THR A 195 -19.53 -23.48 18.91
C THR A 195 -19.22 -24.10 17.54
N GLN A 196 -18.34 -23.46 16.78
CA GLN A 196 -17.94 -23.94 15.47
C GLN A 196 -17.12 -25.23 15.59
N THR A 197 -17.37 -26.15 14.67
CA THR A 197 -16.65 -27.41 14.62
C THR A 197 -15.43 -27.27 13.72
N TYR A 198 -14.29 -27.79 14.18
CA TYR A 198 -13.04 -27.75 13.43
C TYR A 198 -12.49 -29.15 13.23
N ILE A 199 -12.40 -29.56 11.97
CA ILE A 199 -11.91 -30.87 11.60
C ILE A 199 -10.90 -30.69 10.50
N CYS A 200 -9.68 -31.16 10.73
CA CYS A 200 -8.70 -31.28 9.66
C CYS A 200 -8.75 -32.69 9.06
N ASN A 201 -8.69 -32.75 7.74
CA ASN A 201 -8.69 -34.00 7.00
C ASN A 201 -7.32 -34.17 6.35
N VAL A 202 -6.71 -35.33 6.59
CA VAL A 202 -5.36 -35.66 6.14
C VAL A 202 -5.45 -36.84 5.20
N ASN A 203 -4.88 -36.71 4.00
CA ASN A 203 -4.86 -37.80 3.04
C ASN A 203 -3.43 -38.14 2.64
N HIS A 204 -3.08 -39.42 2.78
CA HIS A 204 -1.77 -39.94 2.40
C HIS A 204 -2.01 -41.06 1.40
N LYS A 205 -2.12 -40.71 0.11
CA LYS A 205 -2.40 -41.73 -0.89
C LYS A 205 -1.38 -42.86 -0.90
N PRO A 206 -0.08 -42.62 -0.73
CA PRO A 206 0.85 -43.75 -0.72
C PRO A 206 0.50 -44.82 0.29
N SER A 207 0.01 -44.49 1.47
CA SER A 207 -0.38 -45.50 2.45
C SER A 207 -1.90 -45.69 2.51
N ASN A 208 -2.61 -45.19 1.51
CA ASN A 208 -4.08 -45.27 1.46
C ASN A 208 -4.68 -44.84 2.80
N THR A 209 -4.15 -43.76 3.35
CA THR A 209 -4.53 -43.30 4.69
C THR A 209 -5.32 -42.02 4.52
N LYS A 210 -6.60 -42.08 4.81
CA LYS A 210 -7.44 -40.92 5.01
C LYS A 210 -7.81 -40.90 6.47
N VAL A 211 -7.65 -39.75 7.10
CA VAL A 211 -7.81 -39.62 8.55
C VAL A 211 -8.41 -38.26 8.85
N ASP A 212 -9.46 -38.23 9.66
CA ASP A 212 -10.11 -36.99 10.05
C ASP A 212 -10.02 -36.84 11.56
N LYS A 213 -9.52 -35.69 12.03
CA LYS A 213 -9.43 -35.43 13.46
C LYS A 213 -10.22 -34.19 13.80
N LYS A 214 -10.91 -34.24 14.94
CA LYS A 214 -11.55 -33.05 15.49
C LYS A 214 -10.59 -32.40 16.47
N VAL A 215 -10.38 -31.10 16.29
CA VAL A 215 -9.50 -30.32 17.15
C VAL A 215 -10.38 -29.38 17.95
N GLU A 216 -10.49 -29.62 19.25
CA GLU A 216 -11.27 -28.74 20.12
C GLU A 216 -10.56 -28.60 21.46
N PRO A 217 -10.81 -27.49 22.18
CA PRO A 217 -10.03 -27.24 23.40
C PRO A 217 -10.48 -28.15 24.57
N ILE B 1 38.86 -21.42 1.45
CA ILE B 1 38.52 -19.99 1.45
C ILE B 1 37.00 -19.90 1.63
N GLN B 2 36.50 -19.06 2.54
CA GLN B 2 35.10 -19.11 2.95
C GLN B 2 34.37 -17.82 2.63
N LEU B 3 33.11 -17.95 2.20
CA LEU B 3 32.32 -16.85 1.65
C LEU B 3 31.07 -16.59 2.48
N THR B 4 30.71 -15.31 2.63
CA THR B 4 29.58 -14.89 3.46
C THR B 4 28.71 -13.85 2.74
N GLN B 5 27.42 -13.80 3.08
CA GLN B 5 26.56 -12.80 2.46
C GLN B 5 25.67 -12.09 3.48
N SER B 6 25.67 -10.75 3.40
CA SER B 6 25.28 -9.83 4.48
C SER B 6 23.76 -9.80 4.68
N PRO B 7 22.95 -9.49 3.67
CA PRO B 7 21.52 -9.71 3.89
C PRO B 7 21.23 -11.18 3.70
N SER B 8 21.00 -11.89 4.79
CA SER B 8 20.47 -13.24 4.65
C SER B 8 19.16 -13.16 3.90
N PHE B 9 18.33 -12.20 4.26
CA PHE B 9 17.08 -11.87 3.60
C PHE B 9 17.07 -10.39 3.27
N LEU B 10 16.54 -10.03 2.09
CA LEU B 10 16.59 -8.65 1.60
C LEU B 10 15.22 -8.22 1.13
N SER B 11 14.63 -7.22 1.79
CA SER B 11 13.32 -6.69 1.37
C SER B 11 13.49 -5.72 0.22
N ALA B 12 12.66 -5.89 -0.81
CA ALA B 12 12.72 -5.02 -1.98
C ALA B 12 11.45 -5.23 -2.78
N SER B 13 11.05 -4.17 -3.50
CA SER B 13 9.84 -4.17 -4.31
C SER B 13 10.18 -3.87 -5.76
N VAL B 14 9.25 -4.22 -6.66
CA VAL B 14 9.50 -4.03 -8.08
C VAL B 14 9.97 -2.61 -8.30
N GLY B 15 11.02 -2.46 -9.11
CA GLY B 15 11.55 -1.18 -9.47
C GLY B 15 12.78 -0.76 -8.70
N ASP B 16 12.94 -1.26 -7.48
CA ASP B 16 13.98 -0.78 -6.58
C ASP B 16 15.37 -1.19 -7.07
N ARG B 17 16.38 -0.51 -6.54
CA ARG B 17 17.78 -0.86 -6.76
C ARG B 17 18.30 -1.67 -5.57
N VAL B 18 18.61 -2.94 -5.80
CA VAL B 18 19.01 -3.82 -4.70
C VAL B 18 20.51 -4.06 -4.79
N THR B 19 21.12 -4.34 -3.64
CA THR B 19 22.57 -4.58 -3.54
C THR B 19 22.83 -5.69 -2.54
N ILE B 20 23.53 -6.73 -3.01
CA ILE B 20 23.98 -7.85 -2.19
C ILE B 20 25.50 -7.79 -2.05
N THR B 21 26.03 -8.22 -0.91
CA THR B 21 27.46 -8.19 -0.67
C THR B 21 27.98 -9.58 -0.31
N CYS B 22 29.15 -9.91 -0.84
CA CYS B 22 29.86 -11.15 -0.54
C CYS B 22 31.21 -10.73 0.03
N ARG B 23 31.64 -11.37 1.12
CA ARG B 23 32.91 -11.06 1.75
C ARG B 23 33.75 -12.32 1.86
N ALA B 24 34.97 -12.27 1.32
CA ALA B 24 35.82 -13.44 1.24
C ALA B 24 36.81 -13.46 2.40
N SER B 25 37.13 -14.66 2.87
CA SER B 25 37.94 -14.81 4.08
C SER B 25 39.29 -14.16 3.92
N GLN B 26 40.02 -14.53 2.87
CA GLN B 26 41.23 -13.81 2.50
C GLN B 26 41.07 -13.32 1.06
N GLY B 27 42.13 -12.74 0.50
CA GLY B 27 41.97 -12.01 -0.75
C GLY B 27 42.00 -12.82 -2.03
N ILE B 28 40.93 -12.77 -2.82
CA ILE B 28 40.87 -13.52 -4.07
C ILE B 28 40.48 -12.57 -5.19
N SER B 29 41.45 -11.83 -5.71
CA SER B 29 41.14 -10.63 -6.47
C SER B 29 40.30 -10.97 -7.69
N SER B 30 39.07 -10.48 -7.73
CA SER B 30 38.19 -10.57 -8.89
C SER B 30 37.85 -12.00 -9.34
N ASP B 31 38.15 -13.02 -8.53
CA ASP B 31 37.75 -14.39 -8.85
C ASP B 31 36.42 -14.73 -8.15
N LEU B 32 35.35 -14.09 -8.62
CA LEU B 32 34.04 -14.35 -8.06
C LEU B 32 33.01 -14.49 -9.17
N ALA B 33 32.00 -15.34 -8.95
CA ALA B 33 30.87 -15.47 -9.86
C ALA B 33 29.56 -15.42 -9.09
N TRP B 34 28.48 -15.01 -9.76
CA TRP B 34 27.18 -14.80 -9.12
C TRP B 34 26.10 -15.67 -9.76
N TYR B 35 25.38 -16.42 -8.93
CA TYR B 35 24.34 -17.29 -9.45
C TYR B 35 22.98 -16.91 -8.89
N GLN B 36 21.96 -17.10 -9.69
CA GLN B 36 20.61 -16.87 -9.25
C GLN B 36 19.89 -18.21 -9.28
N GLN B 37 19.10 -18.48 -8.24
CA GLN B 37 18.35 -19.73 -8.15
C GLN B 37 16.94 -19.43 -7.65
N LYS B 38 15.96 -19.79 -8.46
CA LYS B 38 14.58 -19.75 -8.01
C LYS B 38 14.20 -21.12 -7.46
N PRO B 39 13.09 -21.23 -6.73
CA PRO B 39 12.81 -22.48 -6.02
C PRO B 39 12.48 -23.63 -6.96
N GLY B 40 13.09 -24.78 -6.66
CA GLY B 40 13.00 -25.98 -7.44
C GLY B 40 13.88 -25.97 -8.66
N LYS B 41 14.50 -24.84 -8.99
CA LYS B 41 15.16 -24.73 -10.28
C LYS B 41 16.67 -24.75 -10.14
N ALA B 42 17.34 -25.01 -11.25
CA ALA B 42 18.80 -25.05 -11.25
C ALA B 42 19.36 -23.64 -11.16
N PRO B 43 20.49 -23.48 -10.50
CA PRO B 43 21.12 -22.16 -10.46
C PRO B 43 21.44 -21.71 -11.87
N LYS B 44 21.38 -20.41 -12.10
CA LYS B 44 21.65 -19.78 -13.39
C LYS B 44 22.84 -18.85 -13.20
N LEU B 45 23.89 -19.01 -14.01
CA LEU B 45 25.04 -18.14 -13.86
C LEU B 45 24.72 -16.72 -14.29
N LEU B 46 25.15 -15.74 -13.50
CA LEU B 46 24.86 -14.33 -13.77
C LEU B 46 26.10 -13.52 -14.09
N ILE B 47 27.09 -13.54 -13.23
CA ILE B 47 28.31 -12.75 -13.36
C ILE B 47 29.52 -13.68 -13.24
N TYR B 48 30.56 -13.45 -14.05
CA TYR B 48 31.83 -14.13 -13.81
C TYR B 48 32.94 -13.09 -13.79
N ALA B 49 34.09 -13.48 -13.22
CA ALA B 49 35.25 -12.59 -13.03
C ALA B 49 34.86 -11.31 -12.27
N ALA B 50 33.83 -11.45 -11.43
CA ALA B 50 33.35 -10.46 -10.46
C ALA B 50 32.63 -9.26 -11.10
N SER B 51 32.80 -9.05 -12.40
CA SER B 51 32.15 -7.92 -13.05
C SER B 51 31.67 -8.15 -14.47
N THR B 52 32.03 -9.25 -15.13
CA THR B 52 31.60 -9.51 -16.52
C THR B 52 30.20 -10.09 -16.57
N LEU B 53 29.41 -9.64 -17.52
CA LEU B 53 28.04 -10.10 -17.61
C LEU B 53 27.97 -11.43 -18.36
N GLN B 54 27.48 -12.48 -17.72
CA GLN B 54 27.23 -13.73 -18.42
C GLN B 54 26.33 -13.51 -19.63
N SER B 55 26.63 -14.18 -20.74
CA SER B 55 25.89 -13.89 -21.96
C SER B 55 24.41 -14.23 -21.82
N GLY B 56 23.56 -13.36 -22.36
CA GLY B 56 22.14 -13.55 -22.23
C GLY B 56 21.56 -13.12 -20.89
N VAL B 57 22.34 -12.48 -20.04
CA VAL B 57 21.83 -11.96 -18.77
C VAL B 57 21.36 -10.53 -18.99
N PRO B 58 20.13 -10.19 -18.59
CA PRO B 58 19.65 -8.82 -18.75
C PRO B 58 20.63 -7.85 -18.12
N SER B 59 20.81 -6.68 -18.76
CA SER B 59 21.85 -5.74 -18.39
C SER B 59 21.56 -5.00 -17.11
N ARG B 60 20.41 -5.23 -16.46
CA ARG B 60 20.17 -4.67 -15.15
C ARG B 60 20.97 -5.35 -14.03
N PHE B 61 21.66 -6.46 -14.30
CA PHE B 61 22.52 -7.10 -13.31
C PHE B 61 23.95 -6.64 -13.51
N SER B 62 24.63 -6.28 -12.43
CA SER B 62 25.97 -5.75 -12.55
C SER B 62 26.84 -6.25 -11.40
N GLY B 63 28.14 -6.35 -11.66
CA GLY B 63 29.06 -6.77 -10.63
C GLY B 63 30.19 -5.81 -10.34
N SER B 64 30.40 -5.52 -9.07
CA SER B 64 31.57 -4.78 -8.62
C SER B 64 32.30 -5.62 -7.58
N GLY B 65 33.57 -5.27 -7.40
CA GLY B 65 34.35 -5.87 -6.34
C GLY B 65 35.71 -6.32 -6.81
N SER B 66 36.69 -6.20 -5.91
CA SER B 66 38.00 -6.77 -6.09
C SER B 66 38.56 -7.05 -4.71
N GLY B 67 39.49 -8.01 -4.63
CA GLY B 67 40.05 -8.36 -3.35
C GLY B 67 39.05 -9.12 -2.51
N THR B 68 38.47 -8.49 -1.50
CA THR B 68 37.77 -9.23 -0.46
C THR B 68 36.30 -8.87 -0.28
N GLU B 69 35.80 -7.84 -0.93
CA GLU B 69 34.40 -7.48 -0.76
C GLU B 69 33.78 -7.20 -2.11
N PHE B 70 32.73 -7.95 -2.45
CA PHE B 70 32.09 -7.88 -3.76
C PHE B 70 30.60 -7.58 -3.61
N THR B 71 30.02 -6.99 -4.65
CA THR B 71 28.60 -6.62 -4.67
C THR B 71 27.97 -7.00 -6.00
N LEU B 72 26.80 -7.65 -5.93
CA LEU B 72 25.90 -7.79 -7.06
C LEU B 72 24.86 -6.69 -6.98
N THR B 73 24.43 -6.16 -8.13
CA THR B 73 23.55 -4.98 -8.12
C THR B 73 22.46 -5.14 -9.16
N ILE B 74 21.20 -5.13 -8.74
CA ILE B 74 20.08 -5.06 -9.68
C ILE B 74 19.59 -3.62 -9.68
N SER B 75 19.75 -2.94 -10.82
CA SER B 75 19.52 -1.50 -10.91
C SER B 75 18.05 -1.16 -10.79
N SER B 76 17.20 -1.87 -11.53
CA SER B 76 15.76 -1.76 -11.31
C SER B 76 15.19 -3.17 -11.20
N LEU B 77 14.92 -3.60 -9.97
CA LEU B 77 14.30 -4.91 -9.74
C LEU B 77 13.06 -5.06 -10.62
N GLN B 78 12.78 -6.29 -11.02
CA GLN B 78 11.63 -6.61 -11.84
C GLN B 78 10.93 -7.78 -11.19
N PRO B 79 9.71 -8.12 -11.63
CA PRO B 79 9.04 -9.28 -11.03
C PRO B 79 9.84 -10.57 -11.17
N GLU B 80 10.51 -10.77 -12.30
CA GLU B 80 11.23 -12.01 -12.56
C GLU B 80 12.41 -12.17 -11.60
N ASP B 81 12.85 -11.10 -10.96
CA ASP B 81 14.14 -11.12 -10.28
C ASP B 81 14.08 -11.56 -8.82
N PHE B 82 12.91 -11.85 -8.27
CA PHE B 82 12.84 -12.32 -6.89
C PHE B 82 13.34 -13.77 -6.83
N ALA B 83 14.45 -14.00 -6.14
CA ALA B 83 15.06 -15.32 -6.05
C ALA B 83 16.10 -15.29 -4.94
N THR B 84 16.87 -16.35 -4.83
CA THR B 84 18.05 -16.37 -3.99
C THR B 84 19.28 -16.24 -4.88
N TYR B 85 20.30 -15.55 -4.36
CA TYR B 85 21.52 -15.25 -5.09
C TYR B 85 22.72 -15.70 -4.28
N TYR B 86 23.60 -16.49 -4.91
CA TYR B 86 24.81 -17.07 -4.31
C TYR B 86 26.05 -16.58 -5.02
N CYS B 87 27.08 -16.27 -4.26
CA CYS B 87 28.40 -16.03 -4.82
C CYS B 87 29.24 -17.31 -4.73
N GLN B 88 30.27 -17.37 -5.56
CA GLN B 88 31.13 -18.54 -5.63
C GLN B 88 32.54 -18.11 -5.98
N GLN B 89 33.53 -18.76 -5.35
CA GLN B 89 34.92 -18.54 -5.74
C GLN B 89 35.21 -19.31 -7.01
N LEU B 90 35.77 -18.62 -8.00
CA LEU B 90 36.14 -19.26 -9.26
C LEU B 90 37.31 -20.20 -9.02
N ASN B 91 37.08 -21.47 -9.29
CA ASN B 91 37.95 -22.55 -8.86
C ASN B 91 37.57 -23.80 -9.62
N SER B 92 38.44 -24.78 -9.54
CA SER B 92 38.15 -26.13 -9.95
C SER B 92 38.11 -27.08 -8.77
N HIS B 93 39.06 -26.93 -7.85
CA HIS B 93 39.35 -28.01 -6.92
C HIS B 93 38.53 -28.09 -5.63
N PRO B 94 38.46 -27.02 -4.70
CA PRO B 94 37.25 -26.88 -3.87
C PRO B 94 36.34 -25.80 -4.44
N LEU B 95 35.03 -25.86 -4.20
CA LEU B 95 34.14 -24.81 -4.68
C LEU B 95 33.44 -24.16 -3.50
N ALA B 96 33.85 -22.94 -3.19
CA ALA B 96 33.24 -22.16 -2.12
C ALA B 96 32.05 -21.43 -2.70
N PHE B 97 30.87 -21.70 -2.16
CA PHE B 97 29.70 -20.89 -2.42
C PHE B 97 29.42 -20.03 -1.21
N GLY B 98 28.65 -18.97 -1.41
CA GLY B 98 28.14 -18.20 -0.31
C GLY B 98 26.96 -18.90 0.32
N PRO B 99 26.52 -18.38 1.47
CA PRO B 99 25.31 -18.91 2.11
C PRO B 99 24.04 -18.58 1.37
N GLY B 100 24.05 -17.59 0.50
CA GLY B 100 22.83 -17.20 -0.19
C GLY B 100 22.16 -16.00 0.43
N THR B 101 21.63 -15.13 -0.44
CA THR B 101 20.87 -13.96 -0.05
C THR B 101 19.52 -14.08 -0.73
N LYS B 102 18.46 -14.09 0.07
CA LYS B 102 17.12 -14.22 -0.46
C LYS B 102 16.53 -12.83 -0.59
N VAL B 103 15.88 -12.57 -1.72
CA VAL B 103 15.31 -11.26 -1.97
C VAL B 103 13.79 -11.39 -1.86
N ASP B 104 13.24 -10.85 -0.77
CA ASP B 104 11.82 -10.77 -0.40
C ASP B 104 11.06 -9.74 -1.24
N ILE B 105 9.73 -9.92 -1.26
CA ILE B 105 8.82 -8.85 -1.69
C ILE B 105 8.54 -7.94 -0.51
N LYS B 106 8.73 -6.62 -0.70
CA LYS B 106 8.64 -5.73 0.46
C LYS B 106 7.20 -5.54 0.90
N ARG B 107 7.06 -5.40 2.21
CA ARG B 107 5.78 -5.27 2.88
C ARG B 107 6.07 -4.52 4.16
N THR B 108 5.09 -3.80 4.65
CA THR B 108 5.29 -3.09 5.90
C THR B 108 5.39 -4.07 7.06
N VAL B 109 6.20 -3.70 8.06
CA VAL B 109 6.50 -4.56 9.19
C VAL B 109 5.23 -5.06 9.85
N ALA B 110 5.10 -6.38 9.93
CA ALA B 110 3.95 -7.04 10.54
C ALA B 110 4.50 -7.93 11.65
N ALA B 111 4.20 -7.60 12.90
CA ALA B 111 4.69 -8.41 13.99
C ALA B 111 3.96 -9.75 13.99
N PRO B 112 4.58 -10.79 14.56
CA PRO B 112 3.96 -12.10 14.52
C PRO B 112 3.01 -12.29 15.68
N SER B 113 1.93 -12.99 15.40
CA SER B 113 1.07 -13.53 16.43
C SER B 113 1.69 -14.83 16.88
N VAL B 114 1.90 -15.00 18.18
CA VAL B 114 2.67 -16.12 18.71
C VAL B 114 1.77 -17.03 19.52
N PHE B 115 1.71 -18.31 19.16
CA PHE B 115 0.85 -19.28 19.82
C PHE B 115 1.65 -20.50 20.24
N ILE B 116 1.26 -21.13 21.36
CA ILE B 116 1.94 -22.32 21.85
C ILE B 116 0.93 -23.44 22.06
N PHE B 117 1.27 -24.63 21.59
CA PHE B 117 0.40 -25.78 21.64
C PHE B 117 1.08 -26.89 22.43
N PRO B 118 0.45 -27.39 23.48
CA PRO B 118 0.99 -28.55 24.20
C PRO B 118 0.78 -29.84 23.40
N PRO B 119 1.55 -30.89 23.69
CA PRO B 119 1.32 -32.17 23.02
C PRO B 119 -0.03 -32.75 23.41
N SER B 120 -0.56 -33.57 22.51
CA SER B 120 -1.88 -34.16 22.68
C SER B 120 -1.85 -35.33 23.66
N ASP B 121 -3.01 -35.58 24.25
CA ASP B 121 -3.21 -36.80 25.03
C ASP B 121 -2.79 -38.01 24.21
N GLU B 122 -3.29 -38.07 22.96
CA GLU B 122 -3.10 -39.23 22.10
C GLU B 122 -1.63 -39.51 21.83
N GLN B 123 -0.84 -38.46 21.62
CA GLN B 123 0.56 -38.68 21.30
C GLN B 123 1.34 -39.16 22.50
N LEU B 124 1.00 -38.67 23.68
CA LEU B 124 1.73 -39.09 24.88
C LEU B 124 1.51 -40.58 25.15
N LYS B 125 0.36 -41.13 24.72
CA LYS B 125 0.15 -42.58 24.74
C LYS B 125 1.32 -43.28 24.06
N SER B 126 1.68 -42.82 22.87
CA SER B 126 2.75 -43.40 22.05
C SER B 126 4.18 -43.07 22.58
N GLY B 127 4.40 -42.55 23.79
CA GLY B 127 5.76 -42.39 24.30
C GLY B 127 6.56 -41.20 23.81
N THR B 128 5.91 -40.18 23.26
CA THR B 128 6.61 -39.01 22.76
C THR B 128 5.73 -37.78 22.97
N ALA B 129 6.39 -36.63 23.10
CA ALA B 129 5.73 -35.35 23.28
C ALA B 129 6.26 -34.37 22.26
N SER B 130 5.38 -33.47 21.78
CA SER B 130 5.74 -32.46 20.80
C SER B 130 5.16 -31.14 21.26
N VAL B 131 6.02 -30.22 21.66
CA VAL B 131 5.59 -28.88 21.99
C VAL B 131 5.80 -28.01 20.75
N VAL B 132 4.70 -27.51 20.19
CA VAL B 132 4.75 -26.73 18.97
C VAL B 132 4.58 -25.27 19.33
N CYS B 133 5.26 -24.41 18.59
CA CYS B 133 5.12 -22.98 18.75
C CYS B 133 4.91 -22.39 17.38
N LEU B 134 3.93 -21.51 17.26
CA LEU B 134 3.58 -20.95 15.97
C LEU B 134 3.89 -19.47 15.96
N LEU B 135 4.62 -19.03 14.95
CA LEU B 135 4.80 -17.61 14.65
C LEU B 135 4.02 -17.35 13.38
N ASN B 136 3.03 -16.47 13.45
CA ASN B 136 2.03 -16.40 12.39
C ASN B 136 1.97 -15.02 11.75
N ASN B 137 2.18 -14.99 10.43
CA ASN B 137 1.97 -13.82 9.57
C ASN B 137 2.81 -12.60 9.99
N PHE B 138 4.12 -12.77 10.01
CA PHE B 138 5.06 -11.69 10.34
C PHE B 138 5.79 -11.25 9.08
N TYR B 139 6.12 -9.97 8.99
CA TYR B 139 6.82 -9.77 7.73
C TYR B 139 8.33 -9.95 7.77
N PRO B 140 9.10 -9.05 8.42
CA PRO B 140 10.52 -8.86 8.00
C PRO B 140 11.36 -10.12 7.89
N ARG B 141 10.84 -11.27 8.33
CA ARG B 141 11.36 -12.63 8.15
C ARG B 141 12.48 -13.09 9.06
N GLU B 142 13.24 -12.19 9.67
CA GLU B 142 14.20 -12.62 10.69
C GLU B 142 13.46 -12.82 12.00
N ALA B 143 13.66 -13.97 12.65
CA ALA B 143 12.87 -14.23 13.84
C ALA B 143 13.56 -15.25 14.73
N LYS B 144 13.91 -14.84 15.93
CA LYS B 144 14.54 -15.71 16.91
C LYS B 144 13.46 -16.38 17.74
N VAL B 145 13.58 -17.70 17.92
CA VAL B 145 12.64 -18.48 18.71
C VAL B 145 13.44 -19.24 19.76
N GLN B 146 13.08 -19.10 21.03
CA GLN B 146 13.90 -19.64 22.11
C GLN B 146 13.05 -20.50 23.03
N TRP B 147 13.39 -21.77 23.16
CA TRP B 147 12.62 -22.67 24.02
C TRP B 147 13.13 -22.59 25.45
N LYS B 148 12.25 -22.25 26.38
CA LYS B 148 12.57 -22.27 27.80
C LYS B 148 11.69 -23.31 28.48
N VAL B 149 12.27 -24.20 29.28
CA VAL B 149 11.50 -25.25 29.95
C VAL B 149 11.84 -25.26 31.44
N ASP B 150 10.84 -25.02 32.29
CA ASP B 150 11.09 -24.78 33.73
C ASP B 150 12.04 -23.62 33.91
N ASN B 151 12.04 -22.72 32.91
CA ASN B 151 12.81 -21.48 32.85
C ASN B 151 14.30 -21.69 32.61
N ALA B 152 14.69 -22.85 32.09
CA ALA B 152 16.00 -23.06 31.51
C ALA B 152 15.86 -23.08 29.99
N LEU B 153 16.74 -22.36 29.29
CA LEU B 153 16.77 -22.47 27.84
C LEU B 153 16.95 -23.92 27.44
N GLN B 154 16.47 -24.27 26.25
CA GLN B 154 16.74 -25.57 25.70
C GLN B 154 17.32 -25.35 24.32
N SER B 155 18.50 -25.92 24.07
CA SER B 155 19.12 -25.93 22.74
C SER B 155 19.17 -27.35 22.20
N GLY B 156 18.90 -27.49 20.92
CA GLY B 156 19.22 -28.68 20.19
C GLY B 156 18.20 -29.79 20.20
N ASN B 157 16.94 -29.51 20.51
CA ASN B 157 15.92 -30.49 20.18
C ASN B 157 14.72 -29.85 19.48
N SER B 158 14.96 -28.80 18.69
CA SER B 158 13.86 -28.13 18.02
C SER B 158 14.14 -28.01 16.52
N GLN B 159 13.05 -28.00 15.73
CA GLN B 159 13.12 -27.80 14.29
C GLN B 159 12.10 -26.77 13.84
N GLU B 160 12.50 -25.93 12.88
CA GLU B 160 11.69 -24.84 12.35
C GLU B 160 11.30 -25.10 10.90
N SER B 161 10.02 -24.94 10.60
CA SER B 161 9.56 -24.86 9.23
C SER B 161 9.03 -23.47 9.01
N VAL B 162 8.96 -23.09 7.74
CA VAL B 162 8.62 -21.72 7.39
C VAL B 162 7.85 -21.75 6.08
N THR B 163 6.66 -21.18 6.05
CA THR B 163 5.97 -21.06 4.78
C THR B 163 6.79 -20.13 3.90
N GLU B 164 6.88 -20.43 2.62
CA GLU B 164 7.47 -19.40 1.78
C GLU B 164 6.49 -18.20 1.76
N GLN B 165 6.99 -17.01 1.37
CA GLN B 165 6.18 -15.79 1.45
C GLN B 165 4.79 -15.98 0.84
N ASP B 166 3.75 -15.56 1.58
CA ASP B 166 2.37 -15.78 1.15
C ASP B 166 1.99 -14.90 -0.03
N SER B 167 1.37 -15.51 -1.05
CA SER B 167 1.00 -14.80 -2.27
C SER B 167 -0.15 -13.83 -2.06
N LYS B 168 -0.80 -13.87 -0.89
CA LYS B 168 -1.94 -13.02 -0.54
C LYS B 168 -1.54 -11.78 0.25
N ASP B 169 -0.68 -11.91 1.26
CA ASP B 169 -0.32 -10.76 2.08
C ASP B 169 1.17 -10.51 2.23
N SER B 170 2.02 -11.28 1.53
CA SER B 170 3.49 -11.11 1.54
C SER B 170 4.10 -11.32 2.91
N THR B 171 3.54 -12.23 3.71
CA THR B 171 4.05 -12.51 5.03
C THR B 171 4.49 -13.97 5.14
N TYR B 172 5.21 -14.25 6.22
CA TYR B 172 5.73 -15.58 6.54
C TYR B 172 5.10 -16.09 7.82
N SER B 173 4.99 -17.40 7.91
CA SER B 173 4.59 -18.05 9.14
C SER B 173 5.58 -19.19 9.42
N LEU B 174 5.93 -19.39 10.69
CA LEU B 174 7.02 -20.25 11.13
C LEU B 174 6.59 -21.11 12.31
N SER B 175 7.07 -22.35 12.36
CA SER B 175 6.72 -23.29 13.44
C SER B 175 7.99 -23.90 14.01
N SER B 176 8.27 -23.63 15.29
CA SER B 176 9.33 -24.33 16.00
C SER B 176 8.75 -25.48 16.81
N THR B 177 9.38 -26.67 16.74
CA THR B 177 8.83 -27.87 17.37
C THR B 177 9.83 -28.53 18.31
N LEU B 178 9.52 -28.54 19.59
CA LEU B 178 10.39 -29.14 20.61
C LEU B 178 9.95 -30.59 20.85
N THR B 179 10.87 -31.53 20.66
CA THR B 179 10.54 -32.95 20.81
C THR B 179 11.18 -33.50 22.07
N LEU B 180 10.41 -34.22 22.86
CA LEU B 180 10.86 -34.78 24.12
C LEU B 180 10.23 -36.13 24.28
N SER B 181 10.86 -36.98 25.08
CA SER B 181 10.19 -38.23 25.40
C SER B 181 9.13 -37.99 26.45
N LYS B 182 8.11 -38.87 26.47
CA LYS B 182 7.07 -38.74 27.48
C LYS B 182 7.68 -38.63 28.87
N ALA B 183 8.74 -39.42 29.12
CA ALA B 183 9.42 -39.39 30.41
C ALA B 183 9.89 -37.99 30.76
N ASP B 184 10.62 -37.35 29.84
CA ASP B 184 11.10 -36.00 30.10
C ASP B 184 9.95 -35.02 30.24
N TYR B 185 8.94 -35.11 29.37
CA TYR B 185 7.86 -34.13 29.35
C TYR B 185 7.13 -34.07 30.69
N GLU B 186 7.02 -35.19 31.40
CA GLU B 186 6.38 -35.16 32.70
C GLU B 186 7.27 -34.56 33.78
N LYS B 187 8.60 -34.59 33.59
CA LYS B 187 9.53 -34.11 34.61
C LYS B 187 9.58 -32.60 34.71
N HIS B 188 8.84 -31.87 33.89
CA HIS B 188 8.86 -30.43 33.95
C HIS B 188 7.43 -29.92 33.86
N LYS B 189 7.19 -28.75 34.47
CA LYS B 189 5.83 -28.19 34.59
C LYS B 189 5.57 -27.05 33.60
N VAL B 190 6.52 -26.15 33.38
CA VAL B 190 6.31 -24.97 32.55
C VAL B 190 7.04 -25.13 31.22
N TYR B 191 6.38 -24.72 30.14
CA TYR B 191 6.93 -24.75 28.79
C TYR B 191 6.66 -23.41 28.13
N ALA B 192 7.70 -22.69 27.75
CA ALA B 192 7.49 -21.35 27.21
C ALA B 192 8.19 -21.18 25.87
N CYS B 193 7.56 -20.43 24.99
CA CYS B 193 8.06 -20.13 23.65
C CYS B 193 8.29 -18.63 23.54
N GLU B 194 9.54 -18.21 23.65
CA GLU B 194 9.91 -16.80 23.60
C GLU B 194 10.38 -16.42 22.21
N VAL B 195 9.86 -15.31 21.69
CA VAL B 195 9.96 -14.95 20.28
C VAL B 195 10.57 -13.55 20.11
N THR B 196 11.60 -13.43 19.29
CA THR B 196 12.23 -12.14 18.98
C THR B 196 11.91 -11.74 17.55
N HIS B 197 11.31 -10.56 17.37
CA HIS B 197 11.07 -10.07 16.03
C HIS B 197 11.11 -8.55 16.03
N GLN B 198 11.35 -7.98 14.84
CA GLN B 198 11.55 -6.54 14.69
C GLN B 198 10.28 -5.75 15.03
N GLY B 199 9.12 -6.31 14.66
CA GLY B 199 7.82 -5.72 14.92
C GLY B 199 7.37 -5.81 16.36
N LEU B 200 8.12 -6.52 17.22
CA LEU B 200 7.86 -6.54 18.65
C LEU B 200 8.85 -5.64 19.37
N SER B 201 8.34 -4.79 20.27
CA SER B 201 9.21 -3.93 21.06
C SER B 201 10.09 -4.74 22.00
N SER B 202 9.61 -5.89 22.44
CA SER B 202 10.29 -6.73 23.41
C SER B 202 9.85 -8.16 23.16
N PRO B 203 10.63 -9.15 23.61
CA PRO B 203 10.28 -10.55 23.33
C PRO B 203 8.94 -10.96 23.92
N VAL B 204 8.08 -11.49 23.06
CA VAL B 204 6.82 -12.07 23.50
C VAL B 204 7.10 -13.50 23.95
N THR B 205 6.68 -13.82 25.18
CA THR B 205 6.90 -15.15 25.76
C THR B 205 5.55 -15.76 26.05
N LYS B 206 5.16 -16.71 25.20
CA LYS B 206 3.95 -17.50 25.38
C LYS B 206 4.29 -18.81 26.10
N SER B 207 3.48 -19.19 27.08
CA SER B 207 3.83 -20.35 27.88
C SER B 207 2.57 -21.09 28.33
N PHE B 208 2.76 -22.27 28.85
CA PHE B 208 1.68 -23.00 29.51
C PHE B 208 2.28 -23.81 30.64
N ASN B 209 1.43 -24.57 31.32
CA ASN B 209 1.85 -25.42 32.41
C ASN B 209 1.28 -26.82 32.19
N ARG B 210 2.07 -27.84 32.49
CA ARG B 210 1.61 -29.22 32.28
C ARG B 210 0.69 -29.64 33.41
N GLY B 211 -0.50 -30.14 33.06
CA GLY B 211 -1.61 -30.28 33.98
C GLY B 211 -2.47 -29.02 34.09
N GLU B 212 -2.17 -27.99 33.31
CA GLU B 212 -2.90 -26.73 33.27
C GLU B 212 -3.21 -26.20 34.67
N ASN C 1 86.92 -23.41 -9.98
CA ASN C 1 85.57 -23.00 -10.34
C ASN C 1 84.56 -23.37 -9.24
N LEU C 2 83.37 -22.76 -9.32
CA LEU C 2 82.27 -22.97 -8.39
C LEU C 2 81.04 -23.39 -9.19
N CYS C 3 79.83 -23.32 -8.59
CA CYS C 3 78.58 -23.55 -9.32
C CYS C 3 77.70 -22.31 -9.29
N PRO C 4 77.15 -21.88 -10.44
CA PRO C 4 76.32 -20.66 -10.48
C PRO C 4 74.89 -20.87 -10.02
N PHE C 5 74.56 -20.51 -8.78
CA PHE C 5 73.17 -20.51 -8.38
C PHE C 5 72.56 -19.13 -8.30
N GLY C 6 73.37 -18.07 -8.22
CA GLY C 6 72.84 -16.71 -8.21
C GLY C 6 72.11 -16.34 -9.48
N GLU C 7 72.46 -16.99 -10.60
CA GLU C 7 71.78 -16.75 -11.87
C GLU C 7 70.30 -17.11 -11.79
N VAL C 8 70.02 -18.40 -11.54
CA VAL C 8 68.64 -18.88 -11.60
C VAL C 8 67.78 -18.36 -10.45
N PHE C 9 68.39 -18.01 -9.31
CA PHE C 9 67.63 -17.52 -8.16
C PHE C 9 67.48 -16.00 -8.19
N ASN C 10 68.59 -15.28 -8.26
CA ASN C 10 68.51 -13.82 -8.19
C ASN C 10 68.18 -13.17 -9.55
N ALA C 11 67.64 -13.92 -10.50
CA ALA C 11 67.24 -13.34 -11.78
C ALA C 11 66.18 -12.27 -11.55
N THR C 12 66.25 -11.17 -12.33
CA THR C 12 65.38 -10.01 -12.10
C THR C 12 63.94 -10.26 -12.58
N ARG C 13 63.77 -10.97 -13.71
CA ARG C 13 62.47 -11.31 -14.28
C ARG C 13 62.34 -12.84 -14.40
N PHE C 14 61.18 -13.38 -14.00
CA PHE C 14 60.94 -14.83 -14.00
C PHE C 14 59.99 -15.25 -15.11
N ALA C 15 59.89 -16.56 -15.32
CA ALA C 15 59.12 -17.15 -16.41
C ALA C 15 57.74 -17.60 -15.92
N SER C 16 56.78 -17.66 -16.85
CA SER C 16 55.47 -18.23 -16.54
C SER C 16 55.53 -19.74 -16.46
N VAL C 17 54.60 -20.33 -15.69
CA VAL C 17 54.72 -21.74 -15.33
C VAL C 17 54.63 -22.64 -16.55
N TYR C 18 53.69 -22.33 -17.47
CA TYR C 18 53.49 -23.22 -18.61
C TYR C 18 54.74 -23.25 -19.49
N ALA C 19 55.36 -22.09 -19.68
CA ALA C 19 56.59 -21.94 -20.44
C ALA C 19 57.82 -21.91 -19.53
N TRP C 20 57.96 -22.90 -18.66
CA TRP C 20 58.96 -22.87 -17.62
C TRP C 20 60.37 -22.93 -18.19
N ASN C 21 61.30 -22.33 -17.47
CA ASN C 21 62.70 -22.28 -17.87
C ASN C 21 63.44 -23.52 -17.41
N ARG C 22 64.38 -24.00 -18.22
CA ARG C 22 65.29 -25.06 -17.79
C ARG C 22 66.70 -24.54 -18.01
N LYS C 23 67.50 -24.52 -16.95
CA LYS C 23 68.92 -24.21 -17.06
C LYS C 23 69.73 -25.46 -16.71
N ARG C 24 70.74 -25.74 -17.52
CA ARG C 24 71.63 -26.87 -17.26
C ARG C 24 72.82 -26.40 -16.43
N ILE C 25 73.41 -27.33 -15.66
CA ILE C 25 74.66 -27.10 -14.93
C ILE C 25 75.67 -28.18 -15.32
N SER C 26 76.92 -27.78 -15.59
CA SER C 26 78.02 -28.70 -15.96
C SER C 26 79.32 -28.29 -15.23
N ASN C 27 79.25 -28.17 -13.90
CA ASN C 27 80.34 -27.63 -13.09
C ASN C 27 80.96 -28.54 -12.04
N CYS C 28 81.61 -27.88 -11.08
CA CYS C 28 82.23 -28.43 -9.88
C CYS C 28 81.21 -28.49 -8.73
N VAL C 29 81.70 -28.68 -7.50
CA VAL C 29 80.85 -28.84 -6.33
C VAL C 29 79.90 -27.65 -6.15
N ALA C 30 78.69 -27.96 -5.67
CA ALA C 30 77.60 -27.00 -5.50
C ALA C 30 77.20 -26.95 -4.03
N ASP C 31 76.90 -25.76 -3.53
CA ASP C 31 76.80 -25.52 -2.08
C ASP C 31 75.33 -25.54 -1.64
N TYR C 32 74.87 -26.71 -1.18
CA TYR C 32 73.47 -27.05 -0.93
C TYR C 32 73.04 -26.90 0.52
N SER C 33 73.87 -27.33 1.46
CA SER C 33 73.69 -26.91 2.83
C SER C 33 73.78 -25.40 2.93
N VAL C 34 74.39 -24.78 1.92
CA VAL C 34 74.61 -23.34 1.88
C VAL C 34 73.46 -22.58 1.23
N LEU C 35 72.64 -23.28 0.42
CA LEU C 35 71.40 -22.69 -0.08
C LEU C 35 70.29 -22.72 0.97
N TYR C 36 70.22 -23.83 1.72
CA TYR C 36 69.23 -23.96 2.80
C TYR C 36 69.25 -22.73 3.69
N ASN C 37 70.44 -22.14 3.88
CA ASN C 37 70.61 -20.91 4.64
C ASN C 37 70.89 -19.66 3.79
N SER C 38 71.22 -19.81 2.49
CA SER C 38 71.52 -18.67 1.62
C SER C 38 70.47 -17.57 1.67
N ALA C 39 69.23 -17.90 2.05
CA ALA C 39 68.14 -16.95 2.23
C ALA C 39 67.05 -17.64 3.03
N SER C 40 66.00 -16.89 3.37
CA SER C 40 64.76 -17.49 3.81
C SER C 40 63.97 -18.05 2.63
N PHE C 41 63.26 -19.16 2.89
CA PHE C 41 62.77 -20.07 1.85
C PHE C 41 61.52 -20.73 2.41
N SER C 42 60.34 -20.23 2.02
CA SER C 42 59.09 -20.74 2.56
C SER C 42 58.88 -22.23 2.27
N THR C 43 59.63 -22.81 1.33
CA THR C 43 59.61 -24.24 1.10
C THR C 43 61.02 -24.68 0.73
N PHE C 44 61.48 -25.81 1.29
CA PHE C 44 62.77 -26.41 0.87
C PHE C 44 62.67 -27.92 1.12
N LYS C 45 62.21 -28.65 0.11
CA LYS C 45 62.02 -30.09 0.32
C LYS C 45 62.70 -30.88 -0.79
N CYS C 46 63.48 -31.89 -0.41
CA CYS C 46 64.14 -32.77 -1.36
C CYS C 46 63.51 -34.15 -1.33
N TYR C 47 63.29 -34.72 -2.51
CA TYR C 47 62.64 -36.01 -2.70
C TYR C 47 63.60 -37.12 -3.13
N GLY C 48 64.91 -36.94 -2.97
CA GLY C 48 65.81 -38.02 -3.34
C GLY C 48 66.94 -38.31 -2.37
N VAL C 49 67.19 -37.44 -1.38
CA VAL C 49 68.37 -37.56 -0.54
C VAL C 49 68.21 -36.66 0.68
N SER C 50 68.96 -36.95 1.74
CA SER C 50 69.09 -36.01 2.86
C SER C 50 69.77 -34.72 2.38
N PRO C 51 69.20 -33.55 2.68
CA PRO C 51 69.80 -32.28 2.19
C PRO C 51 71.22 -32.03 2.69
N THR C 52 71.64 -32.60 3.82
CA THR C 52 72.96 -32.30 4.38
C THR C 52 74.09 -33.10 3.73
N LYS C 53 73.76 -34.18 3.00
CA LYS C 53 74.76 -34.99 2.30
C LYS C 53 74.67 -34.82 0.78
N LEU C 54 74.24 -33.64 0.34
CA LEU C 54 74.33 -33.27 -1.06
C LEU C 54 75.73 -32.78 -1.40
N ASN C 55 76.32 -31.97 -0.52
CA ASN C 55 77.69 -31.51 -0.72
C ASN C 55 78.66 -32.68 -0.85
N ASP C 56 78.29 -33.82 -0.27
CA ASP C 56 79.07 -35.06 -0.33
C ASP C 56 78.58 -35.94 -1.47
N LEU C 57 78.57 -35.37 -2.67
CA LEU C 57 78.11 -36.03 -3.90
C LEU C 57 78.38 -35.09 -5.10
N CYS C 58 78.30 -35.67 -6.31
CA CYS C 58 78.24 -34.94 -7.58
C CYS C 58 77.65 -35.90 -8.62
N PHE C 59 77.17 -35.33 -9.74
CA PHE C 59 76.19 -36.02 -10.58
C PHE C 59 76.51 -35.98 -12.08
N THR C 60 75.77 -36.82 -12.82
CA THR C 60 75.92 -36.91 -14.27
C THR C 60 75.39 -35.66 -14.98
N ASN C 61 74.24 -35.13 -14.53
CA ASN C 61 73.67 -33.91 -15.10
C ASN C 61 72.62 -33.36 -14.16
N VAL C 62 72.61 -32.05 -14.00
CA VAL C 62 71.74 -31.35 -13.06
C VAL C 62 71.01 -30.22 -13.78
N TYR C 63 69.70 -30.13 -13.56
CA TYR C 63 68.83 -29.14 -14.19
C TYR C 63 68.15 -28.29 -13.13
N ALA C 64 67.99 -26.99 -13.42
CA ALA C 64 67.25 -26.05 -12.58
C ALA C 64 66.10 -25.43 -13.38
N ASP C 65 64.88 -25.85 -13.07
CA ASP C 65 63.67 -25.28 -13.66
C ASP C 65 63.14 -24.18 -12.75
N SER C 66 62.66 -23.09 -13.33
CA SER C 66 62.11 -22.01 -12.53
C SER C 66 60.84 -21.47 -13.18
N PHE C 67 59.91 -21.05 -12.33
CA PHE C 67 58.65 -20.45 -12.78
C PHE C 67 58.00 -19.77 -11.58
N VAL C 68 56.81 -19.23 -11.79
CA VAL C 68 56.01 -18.63 -10.74
C VAL C 68 54.65 -19.30 -10.74
N ILE C 69 54.17 -19.69 -9.56
CA ILE C 69 52.84 -20.25 -9.37
C ILE C 69 52.21 -19.51 -8.19
N ARG C 70 51.07 -19.98 -7.72
CA ARG C 70 50.47 -19.47 -6.49
C ARG C 70 50.84 -20.37 -5.32
N GLY C 71 50.72 -19.83 -4.10
CA GLY C 71 51.20 -20.55 -2.94
C GLY C 71 50.48 -21.86 -2.70
N ASP C 72 49.16 -21.82 -2.69
CA ASP C 72 48.40 -23.05 -2.51
C ASP C 72 48.59 -24.01 -3.67
N GLU C 73 49.34 -23.59 -4.70
CA GLU C 73 49.72 -24.45 -5.80
C GLU C 73 51.16 -24.94 -5.67
N VAL C 74 51.96 -24.38 -4.76
CA VAL C 74 53.32 -24.86 -4.58
C VAL C 74 53.32 -26.33 -4.17
N ARG C 75 52.28 -26.76 -3.44
CA ARG C 75 52.21 -28.15 -3.01
C ARG C 75 52.14 -29.12 -4.18
N GLN C 76 51.77 -28.65 -5.37
CA GLN C 76 51.72 -29.52 -6.55
C GLN C 76 53.08 -29.79 -7.18
N ILE C 77 54.11 -29.04 -6.82
CA ILE C 77 55.44 -29.25 -7.43
C ILE C 77 56.13 -30.28 -6.55
N ALA C 78 55.74 -31.54 -6.74
CA ALA C 78 56.19 -32.68 -5.96
C ALA C 78 55.77 -33.95 -6.69
N PRO C 79 56.47 -35.06 -6.51
CA PRO C 79 56.07 -36.30 -7.19
C PRO C 79 54.74 -36.83 -6.70
N GLY C 80 54.04 -37.50 -7.61
CA GLY C 80 52.75 -38.13 -7.33
C GLY C 80 51.63 -37.19 -6.92
N GLN C 81 51.49 -36.06 -7.60
CA GLN C 81 50.53 -35.05 -7.27
C GLN C 81 49.71 -34.75 -8.50
N THR C 82 48.44 -34.40 -8.29
CA THR C 82 47.54 -34.05 -9.37
C THR C 82 46.97 -32.68 -9.13
N GLY C 83 46.53 -32.06 -10.20
CA GLY C 83 45.87 -30.78 -10.07
C GLY C 83 46.16 -29.91 -11.26
N LYS C 84 45.57 -28.73 -11.22
CA LYS C 84 45.58 -27.82 -12.35
C LYS C 84 47.00 -27.61 -12.90
N ILE C 85 48.00 -27.57 -12.02
CA ILE C 85 49.37 -27.24 -12.40
C ILE C 85 50.17 -28.47 -12.81
N ALA C 86 50.08 -29.54 -12.04
CA ALA C 86 50.82 -30.74 -12.39
C ALA C 86 50.23 -31.43 -13.61
N ASP C 87 48.90 -31.36 -13.78
CA ASP C 87 48.29 -32.00 -14.95
C ASP C 87 48.65 -31.29 -16.24
N TYR C 88 48.63 -29.96 -16.24
CA TYR C 88 48.67 -29.23 -17.50
C TYR C 88 49.81 -28.27 -17.65
N ASN C 89 50.64 -28.06 -16.63
CA ASN C 89 51.71 -27.07 -16.73
C ASN C 89 53.10 -27.63 -16.48
N TYR C 90 53.30 -28.38 -15.41
CA TYR C 90 54.65 -28.83 -15.04
C TYR C 90 54.50 -30.09 -14.19
N LYS C 91 54.76 -31.25 -14.77
CA LYS C 91 54.66 -32.50 -14.03
C LYS C 91 56.04 -32.92 -13.54
N LEU C 92 56.11 -33.39 -12.30
CA LEU C 92 57.32 -34.12 -11.93
C LEU C 92 57.06 -35.62 -12.06
N PRO C 93 58.05 -36.42 -12.47
CA PRO C 93 57.84 -37.87 -12.56
C PRO C 93 57.71 -38.47 -11.16
N ASP C 94 57.30 -39.73 -11.13
CA ASP C 94 57.05 -40.38 -9.83
C ASP C 94 58.34 -40.77 -9.14
N ASP C 95 59.36 -41.16 -9.91
CA ASP C 95 60.70 -41.41 -9.38
C ASP C 95 61.56 -40.16 -9.38
N PHE C 96 60.95 -38.97 -9.31
CA PHE C 96 61.73 -37.76 -9.26
C PHE C 96 62.65 -37.77 -8.07
N THR C 97 63.90 -37.44 -8.33
CA THR C 97 64.96 -37.49 -7.34
C THR C 97 65.63 -36.12 -7.33
N GLY C 98 65.33 -35.30 -6.33
CA GLY C 98 65.89 -33.96 -6.31
C GLY C 98 65.18 -33.09 -5.30
N CYS C 99 65.33 -31.79 -5.47
CA CYS C 99 64.94 -30.85 -4.45
C CYS C 99 64.10 -29.70 -5.03
N VAL C 100 63.19 -29.17 -4.20
CA VAL C 100 62.16 -28.24 -4.64
C VAL C 100 62.18 -27.01 -3.75
N ILE C 101 62.36 -25.84 -4.35
CA ILE C 101 62.65 -24.61 -3.61
C ILE C 101 61.71 -23.50 -4.03
N ALA C 102 61.09 -22.85 -3.06
CA ALA C 102 60.13 -21.81 -3.36
C ALA C 102 60.09 -20.77 -2.24
N TRP C 103 59.69 -19.56 -2.59
CA TRP C 103 59.65 -18.50 -1.60
C TRP C 103 58.67 -17.43 -2.05
N ASN C 104 58.13 -16.69 -1.08
CA ASN C 104 57.16 -15.66 -1.44
C ASN C 104 57.83 -14.53 -2.20
N SER C 105 57.11 -14.02 -3.19
CA SER C 105 57.58 -12.93 -4.04
C SER C 105 56.47 -11.91 -4.23
N ASN C 106 55.76 -11.57 -3.16
CA ASN C 106 54.65 -10.64 -3.29
C ASN C 106 55.12 -9.24 -3.63
N ASN C 107 56.35 -8.89 -3.26
CA ASN C 107 56.89 -7.58 -3.55
C ASN C 107 57.52 -7.49 -4.94
N LEU C 108 57.77 -8.61 -5.61
CA LEU C 108 58.43 -8.58 -6.92
C LEU C 108 57.49 -8.81 -8.08
N ASP C 109 56.50 -9.69 -7.92
CA ASP C 109 55.71 -10.10 -9.07
C ASP C 109 54.27 -9.68 -8.96
N SER C 110 53.97 -8.78 -8.03
CA SER C 110 52.66 -8.15 -7.94
C SER C 110 52.81 -6.67 -8.23
N LYS C 111 51.70 -6.08 -8.68
CA LYS C 111 51.57 -4.63 -8.81
C LYS C 111 50.17 -4.29 -8.33
N VAL C 112 49.96 -3.03 -7.92
CA VAL C 112 48.75 -2.68 -7.16
C VAL C 112 47.49 -2.93 -8.00
N GLY C 113 47.56 -2.69 -9.30
CA GLY C 113 46.44 -3.06 -10.15
C GLY C 113 46.26 -4.57 -10.23
N GLY C 114 47.37 -5.30 -10.26
CA GLY C 114 47.39 -6.73 -10.45
C GLY C 114 48.30 -7.01 -11.62
N ASN C 115 49.41 -7.71 -11.37
CA ASN C 115 50.38 -7.97 -12.42
C ASN C 115 49.96 -9.20 -13.21
N TYR C 116 49.82 -9.04 -14.53
CA TYR C 116 49.27 -10.09 -15.38
C TYR C 116 50.28 -10.69 -16.34
N ASN C 117 51.57 -10.31 -16.25
CA ASN C 117 52.60 -10.93 -17.07
C ASN C 117 52.57 -12.45 -16.97
N TYR C 118 52.24 -13.00 -15.80
CA TYR C 118 52.35 -14.43 -15.52
C TYR C 118 51.06 -15.16 -15.85
N LEU C 119 51.19 -16.25 -16.61
CA LEU C 119 50.09 -17.03 -17.17
C LEU C 119 50.18 -18.49 -16.75
N TYR C 120 49.09 -19.21 -16.88
CA TYR C 120 49.08 -20.66 -16.71
C TYR C 120 48.15 -21.28 -17.74
N ARG C 121 48.32 -22.57 -18.00
CA ARG C 121 47.44 -23.27 -18.92
C ARG C 121 46.32 -23.92 -18.14
N LEU C 122 45.09 -23.54 -18.47
CA LEU C 122 43.89 -24.03 -17.80
C LEU C 122 43.25 -25.21 -18.51
N PHE C 123 43.39 -25.27 -19.83
CA PHE C 123 42.73 -26.29 -20.62
C PHE C 123 43.75 -27.13 -21.39
N ARG C 124 43.50 -28.43 -21.38
CA ARG C 124 44.28 -29.44 -22.06
C ARG C 124 43.47 -30.72 -22.06
N LYS C 125 43.49 -31.46 -23.17
CA LYS C 125 42.70 -32.69 -23.17
C LYS C 125 43.38 -33.82 -22.39
N SER C 126 44.70 -33.80 -22.29
CA SER C 126 45.47 -34.91 -21.73
C SER C 126 46.47 -34.39 -20.70
N ASN C 127 46.86 -35.24 -19.74
CA ASN C 127 47.88 -34.78 -18.82
C ASN C 127 49.24 -34.63 -19.49
N LEU C 128 50.07 -33.78 -18.90
CA LEU C 128 51.45 -33.64 -19.33
C LEU C 128 52.25 -34.87 -18.93
N LYS C 129 53.09 -35.34 -19.86
CA LYS C 129 54.13 -36.30 -19.47
C LYS C 129 55.21 -35.56 -18.68
N PRO C 130 55.89 -36.22 -17.76
CA PRO C 130 56.77 -35.50 -16.84
C PRO C 130 57.87 -34.77 -17.59
N PHE C 131 58.21 -33.61 -17.05
CA PHE C 131 59.19 -32.71 -17.65
C PHE C 131 58.81 -32.34 -19.09
N GLU C 132 57.51 -32.14 -19.34
CA GLU C 132 57.00 -31.66 -20.62
C GLU C 132 56.71 -30.16 -20.53
N ARG C 133 56.90 -29.47 -21.65
CA ARG C 133 56.68 -28.03 -21.69
C ARG C 133 55.89 -27.74 -22.96
N ASP C 134 54.61 -27.39 -22.80
CA ASP C 134 53.67 -27.20 -23.91
C ASP C 134 53.40 -25.71 -24.06
N ILE C 135 53.77 -25.12 -25.19
CA ILE C 135 53.69 -23.68 -25.32
C ILE C 135 52.64 -23.23 -26.34
N SER C 136 51.81 -24.14 -26.85
CA SER C 136 50.86 -23.77 -27.90
C SER C 136 49.68 -22.98 -27.35
N THR C 137 49.37 -21.87 -28.03
CA THR C 137 48.21 -21.03 -27.71
C THR C 137 47.01 -21.36 -28.58
N GLU C 138 46.85 -22.63 -28.97
CA GLU C 138 45.79 -23.02 -29.90
C GLU C 138 44.45 -23.01 -29.18
N ILE C 139 43.42 -22.51 -29.88
CA ILE C 139 42.08 -22.51 -29.28
C ILE C 139 41.73 -23.91 -28.82
N TYR C 140 41.20 -24.00 -27.60
CA TYR C 140 40.83 -25.28 -27.01
C TYR C 140 39.41 -25.65 -27.38
N GLN C 141 39.21 -26.86 -27.88
CA GLN C 141 37.89 -27.30 -28.32
C GLN C 141 37.18 -28.06 -27.18
N ALA C 142 36.24 -27.40 -26.52
CA ALA C 142 35.44 -28.01 -25.48
C ALA C 142 34.22 -28.75 -26.02
N GLY C 143 33.89 -28.57 -27.30
CA GLY C 143 32.67 -29.09 -27.86
C GLY C 143 32.83 -30.26 -28.82
N SER C 144 31.67 -30.77 -29.22
CA SER C 144 31.60 -31.66 -30.37
C SER C 144 32.07 -30.91 -31.62
N THR C 145 31.58 -29.68 -31.82
CA THR C 145 31.85 -28.80 -32.96
C THR C 145 33.24 -28.15 -32.82
N PRO C 146 33.99 -28.05 -33.93
CA PRO C 146 35.36 -27.53 -33.90
C PRO C 146 35.48 -26.03 -34.14
N CYS C 147 36.59 -25.49 -33.67
CA CYS C 147 36.79 -24.06 -33.47
C CYS C 147 37.35 -23.37 -34.71
N ASN C 148 38.38 -23.97 -35.33
CA ASN C 148 39.11 -23.31 -36.40
C ASN C 148 39.62 -21.97 -35.91
N GLY C 149 40.11 -21.98 -34.68
CA GLY C 149 40.85 -20.84 -34.19
C GLY C 149 40.05 -19.57 -34.01
N VAL C 150 38.76 -19.67 -33.69
CA VAL C 150 37.96 -18.49 -33.32
C VAL C 150 37.44 -18.70 -31.90
N GLU C 151 37.75 -17.74 -31.00
CA GLU C 151 37.23 -17.83 -29.66
C GLU C 151 35.72 -17.69 -29.71
N GLY C 152 35.06 -18.41 -28.81
CA GLY C 152 33.61 -18.42 -28.83
C GLY C 152 33.13 -19.40 -27.80
N PHE C 153 31.85 -19.76 -27.91
CA PHE C 153 31.29 -20.74 -27.00
C PHE C 153 31.87 -22.14 -27.26
N ASN C 154 32.37 -22.77 -26.19
CA ASN C 154 33.09 -24.04 -26.23
C ASN C 154 34.38 -23.94 -27.02
N CYS C 155 34.91 -22.75 -27.21
CA CYS C 155 36.15 -22.54 -27.96
C CYS C 155 37.00 -21.55 -27.18
N TYR C 156 37.77 -22.05 -26.22
CA TYR C 156 38.35 -21.19 -25.20
C TYR C 156 39.84 -21.03 -25.38
N PHE C 157 40.34 -19.84 -25.10
CA PHE C 157 41.78 -19.64 -25.13
C PHE C 157 42.44 -20.37 -23.97
N PRO C 158 43.43 -21.23 -24.22
CA PRO C 158 43.88 -22.16 -23.18
C PRO C 158 44.66 -21.51 -22.05
N LEU C 159 45.22 -20.33 -22.23
CA LEU C 159 46.05 -19.69 -21.21
C LEU C 159 45.27 -18.61 -20.49
N GLN C 160 45.33 -18.60 -19.16
CA GLN C 160 44.65 -17.60 -18.37
C GLN C 160 45.66 -16.84 -17.50
N SER C 161 45.28 -15.64 -17.08
CA SER C 161 46.18 -14.79 -16.32
C SER C 161 46.12 -15.11 -14.83
N TYR C 162 47.21 -14.86 -14.15
CA TYR C 162 47.19 -14.77 -12.71
C TYR C 162 46.93 -13.31 -12.35
N GLY C 163 45.96 -13.07 -11.47
CA GLY C 163 45.79 -11.71 -10.99
C GLY C 163 46.62 -11.48 -9.76
N PHE C 164 47.72 -10.78 -9.84
CA PHE C 164 48.61 -10.71 -8.69
C PHE C 164 48.51 -9.32 -8.07
N GLN C 165 47.52 -9.20 -7.09
CA GLN C 165 47.37 -8.00 -6.27
C GLN C 165 48.20 -8.12 -5.01
N PRO C 166 48.74 -7.01 -4.52
CA PRO C 166 49.40 -7.06 -3.21
C PRO C 166 48.41 -7.37 -2.12
N THR C 167 47.12 -7.16 -2.40
CA THR C 167 46.02 -7.35 -1.48
C THR C 167 45.67 -8.82 -1.22
N ASN C 168 46.23 -9.75 -2.00
CA ASN C 168 45.74 -11.12 -1.98
C ASN C 168 46.09 -11.85 -0.68
N GLY C 169 45.33 -12.91 -0.40
CA GLY C 169 45.68 -13.86 0.63
C GLY C 169 46.94 -14.64 0.27
N VAL C 170 47.50 -15.34 1.24
CA VAL C 170 48.80 -15.98 1.00
C VAL C 170 48.69 -17.02 -0.09
N GLY C 171 47.60 -17.80 -0.09
CA GLY C 171 47.46 -18.83 -1.11
C GLY C 171 47.54 -18.26 -2.51
N TYR C 172 46.90 -17.10 -2.72
CA TYR C 172 46.82 -16.41 -4.00
C TYR C 172 47.99 -15.46 -4.24
N GLN C 173 48.98 -15.53 -3.44
CA GLN C 173 50.07 -14.64 -3.76
C GLN C 173 51.13 -15.37 -4.55
N PRO C 174 51.92 -14.64 -5.33
CA PRO C 174 52.90 -15.28 -6.22
C PRO C 174 54.09 -15.81 -5.45
N TYR C 175 54.46 -17.06 -5.76
CA TYR C 175 55.65 -17.73 -5.23
C TYR C 175 56.55 -18.13 -6.39
N ARG C 176 57.83 -17.82 -6.28
CA ARG C 176 58.82 -18.26 -7.28
C ARG C 176 59.35 -19.62 -6.87
N VAL C 177 59.53 -20.50 -7.85
CA VAL C 177 59.84 -21.91 -7.60
C VAL C 177 61.06 -22.30 -8.41
N VAL C 178 61.96 -23.06 -7.78
CA VAL C 178 63.13 -23.61 -8.44
C VAL C 178 63.21 -25.09 -8.11
N VAL C 179 63.39 -25.91 -9.13
CA VAL C 179 63.35 -27.36 -9.02
C VAL C 179 64.70 -27.92 -9.48
N LEU C 180 65.43 -28.56 -8.58
CA LEU C 180 66.74 -29.11 -8.91
C LEU C 180 66.59 -30.59 -9.24
N SER C 181 67.07 -30.98 -10.42
CA SER C 181 66.88 -32.32 -10.95
C SER C 181 68.21 -33.02 -11.11
N PHE C 182 68.15 -34.35 -11.09
CA PHE C 182 69.35 -35.17 -10.98
C PHE C 182 69.47 -36.27 -12.05
N GLU D 1 -21.22 26.40 27.33
CA GLU D 1 -22.01 27.63 27.45
C GLU D 1 -23.32 27.57 26.68
N VAL D 2 -23.27 28.04 25.43
CA VAL D 2 -24.42 28.13 24.54
C VAL D 2 -24.31 27.00 23.54
N GLN D 3 -25.21 26.05 23.64
CA GLN D 3 -25.18 24.93 22.72
C GLN D 3 -26.62 24.59 22.34
N LEU D 4 -26.76 24.02 21.17
CA LEU D 4 -27.97 23.32 20.76
C LEU D 4 -27.54 21.90 20.44
N VAL D 5 -28.07 20.93 21.19
CA VAL D 5 -27.72 19.53 21.00
C VAL D 5 -28.92 18.81 20.43
N GLU D 6 -28.75 18.27 19.23
CA GLU D 6 -29.82 17.62 18.50
C GLU D 6 -29.76 16.10 18.67
N SER D 7 -30.88 15.46 18.36
CA SER D 7 -31.07 14.04 18.62
C SER D 7 -32.33 13.61 17.92
N GLY D 8 -32.47 12.31 17.72
CA GLY D 8 -33.69 11.79 17.14
C GLY D 8 -33.58 11.47 15.66
N GLY D 9 -32.43 11.76 15.04
CA GLY D 9 -32.21 11.35 13.67
C GLY D 9 -31.82 9.88 13.56
N GLY D 10 -31.92 9.36 12.34
CA GLY D 10 -31.54 7.98 12.10
C GLY D 10 -31.87 7.42 10.72
N LEU D 11 -32.32 6.17 10.70
CA LEU D 11 -32.58 5.41 9.49
C LEU D 11 -34.08 5.20 9.37
N ILE D 12 -34.66 5.55 8.22
CA ILE D 12 -36.12 5.59 8.15
C ILE D 12 -36.60 5.18 6.76
N GLN D 13 -37.69 4.39 6.72
CA GLN D 13 -38.32 3.94 5.50
C GLN D 13 -39.11 5.06 4.85
N PRO D 14 -39.21 5.08 3.52
CA PRO D 14 -40.00 6.11 2.86
C PRO D 14 -41.46 6.02 3.29
N GLY D 15 -42.12 7.18 3.38
CA GLY D 15 -43.45 7.22 3.95
C GLY D 15 -43.49 7.19 5.47
N GLY D 16 -42.38 6.90 6.13
CA GLY D 16 -42.29 6.82 7.58
C GLY D 16 -42.31 8.19 8.24
N SER D 17 -42.00 8.19 9.54
CA SER D 17 -42.03 9.43 10.31
C SER D 17 -40.91 9.43 11.34
N LEU D 18 -40.45 10.64 11.67
CA LEU D 18 -39.35 10.83 12.60
C LEU D 18 -39.48 12.21 13.25
N ARG D 19 -39.01 12.31 14.50
CA ARG D 19 -39.07 13.57 15.23
C ARG D 19 -37.68 13.93 15.71
N LEU D 20 -37.22 15.10 15.29
CA LEU D 20 -35.90 15.61 15.68
C LEU D 20 -36.04 16.56 16.86
N SER D 21 -35.14 16.44 17.83
CA SER D 21 -35.15 17.28 19.02
C SER D 21 -33.97 18.24 18.96
N CYS D 22 -34.20 19.49 19.38
CA CYS D 22 -33.13 20.46 19.62
C CYS D 22 -33.26 20.96 21.05
N ALA D 23 -32.32 20.58 21.88
CA ALA D 23 -32.28 20.95 23.29
C ALA D 23 -31.41 22.19 23.43
N ALA D 24 -31.99 23.29 23.89
CA ALA D 24 -31.26 24.56 23.97
C ALA D 24 -30.78 24.86 25.38
N SER D 25 -29.68 25.60 25.45
CA SER D 25 -29.19 26.17 26.70
C SER D 25 -28.39 27.41 26.36
N GLY D 26 -28.67 28.49 27.07
CA GLY D 26 -28.08 29.77 26.75
C GLY D 26 -29.00 30.68 25.95
N LEU D 27 -30.04 30.13 25.34
CA LEU D 27 -31.03 30.93 24.66
C LEU D 27 -32.37 30.23 24.86
N THR D 28 -33.41 31.01 25.12
CA THR D 28 -34.72 30.40 25.31
C THR D 28 -35.37 30.25 23.95
N VAL D 29 -35.82 29.03 23.61
CA VAL D 29 -36.32 28.84 22.25
C VAL D 29 -37.63 29.56 22.05
N SER D 30 -38.40 29.76 23.12
CA SER D 30 -39.64 30.50 23.00
C SER D 30 -39.41 31.94 22.61
N SER D 31 -38.24 32.47 22.91
CA SER D 31 -37.98 33.90 22.76
C SER D 31 -37.25 34.23 21.48
N ASN D 32 -37.09 33.28 20.57
CA ASN D 32 -36.17 33.43 19.45
C ASN D 32 -36.76 32.91 18.16
N TYR D 33 -36.32 33.51 17.04
CA TYR D 33 -36.49 32.88 15.74
C TYR D 33 -35.62 31.63 15.71
N MET D 34 -36.23 30.44 15.76
CA MET D 34 -35.50 29.20 15.60
C MET D 34 -35.79 28.62 14.23
N THR D 35 -34.77 27.96 13.66
CA THR D 35 -34.81 27.53 12.28
C THR D 35 -34.17 26.16 12.10
N TRP D 36 -34.73 25.38 11.17
CA TRP D 36 -34.18 24.10 10.75
C TRP D 36 -33.57 24.25 9.36
N VAL D 37 -32.33 23.79 9.21
CA VAL D 37 -31.58 23.82 7.97
C VAL D 37 -31.14 22.40 7.68
N ARG D 38 -30.99 22.06 6.39
CA ARG D 38 -30.50 20.73 6.05
C ARG D 38 -29.38 20.82 5.01
N GLN D 39 -28.67 19.71 4.87
CA GLN D 39 -27.56 19.59 3.92
C GLN D 39 -27.67 18.22 3.29
N ALA D 40 -28.19 18.15 2.07
CA ALA D 40 -28.18 16.90 1.36
C ALA D 40 -26.72 16.54 1.05
N PRO D 41 -26.39 15.26 0.92
CA PRO D 41 -24.97 14.88 0.73
C PRO D 41 -24.32 15.57 -0.47
N GLY D 42 -23.12 16.09 -0.24
CA GLY D 42 -22.38 16.76 -1.28
C GLY D 42 -23.02 18.01 -1.82
N LYS D 43 -23.87 18.64 -1.02
CA LYS D 43 -24.58 19.85 -1.42
C LYS D 43 -24.42 20.88 -0.31
N GLY D 44 -24.89 22.09 -0.59
CA GLY D 44 -24.82 23.18 0.35
C GLY D 44 -26.00 23.18 1.31
N LEU D 45 -26.07 24.25 2.09
CA LEU D 45 -27.18 24.39 3.04
C LEU D 45 -28.46 24.74 2.30
N GLU D 46 -29.58 24.35 2.90
CA GLU D 46 -30.91 24.56 2.33
C GLU D 46 -31.89 24.71 3.49
N TRP D 47 -32.63 25.83 3.50
CA TRP D 47 -33.55 26.13 4.59
C TRP D 47 -34.79 25.22 4.56
N VAL D 48 -35.15 24.66 5.73
CA VAL D 48 -36.29 23.76 5.86
C VAL D 48 -37.51 24.47 6.45
N SER D 49 -37.41 24.92 7.70
CA SER D 49 -38.54 25.58 8.35
C SER D 49 -38.02 26.56 9.40
N VAL D 50 -38.86 27.52 9.75
CA VAL D 50 -38.55 28.46 10.83
C VAL D 50 -39.83 28.76 11.57
N ILE D 51 -39.74 28.91 12.89
CA ILE D 51 -40.84 29.33 13.74
C ILE D 51 -40.42 30.62 14.43
N TYR D 52 -41.29 31.63 14.39
CA TYR D 52 -41.01 32.92 15.01
C TYR D 52 -41.34 32.86 16.49
N SER D 53 -40.88 33.86 17.24
CA SER D 53 -41.08 33.86 18.68
C SER D 53 -42.57 33.90 19.07
N GLY D 54 -43.42 34.53 18.25
CA GLY D 54 -44.88 34.57 18.42
C GLY D 54 -45.65 33.33 17.99
N GLY D 55 -44.99 32.37 17.36
CA GLY D 55 -45.59 31.08 17.09
C GLY D 55 -45.89 30.84 15.62
N SER D 56 -45.77 31.87 14.79
CA SER D 56 -45.95 31.69 13.35
C SER D 56 -44.93 30.67 12.84
N THR D 57 -45.37 29.81 11.94
CA THR D 57 -44.47 28.84 11.34
C THR D 57 -44.48 28.98 9.82
N PHE D 58 -43.31 28.88 9.20
CA PHE D 58 -43.20 28.88 7.76
C PHE D 58 -42.35 27.70 7.30
N TYR D 59 -42.55 27.29 6.04
CA TYR D 59 -41.92 26.08 5.53
C TYR D 59 -41.46 26.27 4.10
N ALA D 60 -40.35 25.61 3.76
CA ALA D 60 -39.92 25.50 2.37
C ALA D 60 -40.88 24.65 1.57
N GLU D 61 -41.24 25.11 0.37
CA GLU D 61 -42.36 24.52 -0.37
C GLU D 61 -42.21 23.02 -0.52
N SER D 62 -40.98 22.54 -0.70
CA SER D 62 -40.78 21.11 -0.92
C SER D 62 -41.08 20.29 0.32
N VAL D 63 -41.35 20.90 1.47
CA VAL D 63 -41.64 20.15 2.68
C VAL D 63 -42.92 20.57 3.39
N LYS D 64 -43.67 21.53 2.85
CA LYS D 64 -44.90 21.97 3.50
C LYS D 64 -45.96 20.86 3.47
N GLY D 65 -46.66 20.71 4.58
CA GLY D 65 -47.62 19.63 4.78
C GLY D 65 -47.00 18.43 5.45
N ARG D 66 -45.83 18.01 4.96
CA ARG D 66 -45.17 16.82 5.52
C ARG D 66 -44.50 17.13 6.85
N PHE D 67 -43.78 18.25 6.95
CA PHE D 67 -43.06 18.56 8.16
C PHE D 67 -43.87 19.51 9.04
N THR D 68 -43.58 19.49 10.34
CA THR D 68 -44.21 20.39 11.29
C THR D 68 -43.22 20.79 12.37
N ILE D 69 -42.98 22.09 12.49
CA ILE D 69 -42.08 22.61 13.50
C ILE D 69 -42.89 22.97 14.74
N SER D 70 -42.31 22.71 15.91
CA SER D 70 -43.02 22.85 17.17
C SER D 70 -42.02 23.16 18.28
N ARG D 71 -42.53 23.66 19.40
CA ARG D 71 -41.62 23.92 20.49
C ARG D 71 -42.32 23.65 21.81
N ASP D 72 -41.49 23.36 22.81
CA ASP D 72 -41.88 22.98 24.16
C ASP D 72 -41.06 23.86 25.08
N ASN D 73 -41.60 25.01 25.48
CA ASN D 73 -40.87 25.92 26.34
C ASN D 73 -40.48 25.23 27.65
N SER D 74 -41.32 24.29 28.11
CA SER D 74 -41.10 23.62 29.39
C SER D 74 -39.78 22.86 29.38
N LYS D 75 -39.50 22.15 28.29
CA LYS D 75 -38.24 21.46 28.15
C LYS D 75 -37.15 22.33 27.51
N ASN D 76 -37.50 23.55 27.06
CA ASN D 76 -36.59 24.42 26.31
C ASN D 76 -36.07 23.70 25.05
N THR D 77 -37.00 23.17 24.28
CA THR D 77 -36.70 22.23 23.21
C THR D 77 -37.45 22.66 21.96
N LEU D 78 -36.79 22.49 20.81
CA LEU D 78 -37.40 22.72 19.50
C LEU D 78 -37.63 21.36 18.84
N TYR D 79 -38.73 21.23 18.12
CA TYR D 79 -39.06 19.97 17.50
C TYR D 79 -39.27 20.16 16.02
N LEU D 80 -38.87 19.14 15.25
CA LEU D 80 -39.24 19.00 13.85
C LEU D 80 -39.83 17.61 13.63
N GLN D 81 -41.14 17.56 13.44
CA GLN D 81 -41.84 16.32 13.19
C GLN D 81 -41.83 16.06 11.69
N MET D 82 -41.14 15.02 11.27
CA MET D 82 -41.10 14.65 9.86
C MET D 82 -42.09 13.51 9.62
N ASN D 83 -43.10 13.79 8.79
CA ASN D 83 -44.14 12.87 8.35
C ASN D 83 -44.00 12.62 6.84
N SER D 84 -44.42 11.44 6.40
CA SER D 84 -44.42 11.06 4.99
C SER D 84 -43.08 11.37 4.31
N LEU D 85 -42.02 10.75 4.83
CA LEU D 85 -40.64 11.00 4.42
C LEU D 85 -40.32 10.40 3.04
N ARG D 86 -39.32 11.00 2.39
CA ARG D 86 -39.01 10.72 0.99
C ARG D 86 -37.51 10.51 0.85
N ALA D 87 -37.12 9.77 -0.20
CA ALA D 87 -35.71 9.46 -0.41
C ALA D 87 -34.84 10.69 -0.58
N GLU D 88 -35.41 11.80 -1.06
CA GLU D 88 -34.64 13.03 -1.23
C GLU D 88 -34.53 13.83 0.05
N ASP D 89 -35.17 13.40 1.13
CA ASP D 89 -35.07 14.14 2.38
C ASP D 89 -33.84 13.75 3.18
N THR D 90 -33.10 12.73 2.70
CA THR D 90 -31.85 12.33 3.32
C THR D 90 -30.88 13.50 3.38
N ALA D 91 -30.39 13.81 4.58
CA ALA D 91 -29.53 14.96 4.74
C ALA D 91 -29.08 14.98 6.18
N VAL D 92 -28.16 15.88 6.48
CA VAL D 92 -27.86 16.20 7.86
C VAL D 92 -28.74 17.40 8.23
N TYR D 93 -29.49 17.27 9.32
CA TYR D 93 -30.39 18.31 9.74
C TYR D 93 -29.73 19.08 10.85
N TYR D 94 -29.58 20.37 10.63
CA TYR D 94 -28.95 21.31 11.52
C TYR D 94 -30.02 22.19 12.14
N CYS D 95 -29.80 22.55 13.38
CA CYS D 95 -30.72 23.35 14.18
C CYS D 95 -30.03 24.65 14.56
N ALA D 96 -30.63 25.80 14.21
CA ALA D 96 -29.92 27.06 14.40
C ALA D 96 -30.83 28.14 14.99
N ARG D 97 -30.20 29.12 15.64
CA ARG D 97 -30.84 30.31 16.18
C ARG D 97 -30.51 31.50 15.29
N ASP D 98 -31.52 32.29 14.95
CA ASP D 98 -31.41 33.37 13.99
C ASP D 98 -31.70 34.70 14.68
N LEU D 99 -30.68 35.54 14.82
CA LEU D 99 -30.90 36.98 15.06
C LEU D 99 -30.95 37.62 13.68
N VAL D 100 -32.16 37.90 13.19
CA VAL D 100 -32.34 37.95 11.74
C VAL D 100 -31.36 38.89 11.07
N VAL D 101 -31.16 40.08 11.64
CA VAL D 101 -30.23 41.05 11.08
C VAL D 101 -28.79 40.83 11.51
N TYR D 102 -28.53 39.94 12.47
CA TYR D 102 -27.20 39.70 13.02
C TYR D 102 -26.68 38.31 12.66
N GLY D 103 -27.24 37.69 11.63
CA GLY D 103 -26.82 36.37 11.20
C GLY D 103 -27.37 35.29 12.10
N MET D 104 -26.99 34.06 11.82
CA MET D 104 -27.39 32.90 12.61
C MET D 104 -26.18 32.45 13.41
N ASP D 105 -26.08 32.90 14.65
CA ASP D 105 -24.84 32.73 15.40
C ASP D 105 -24.70 31.35 16.05
N VAL D 106 -25.78 30.69 16.45
CA VAL D 106 -25.71 29.49 17.27
C VAL D 106 -26.29 28.29 16.49
N TRP D 107 -25.43 27.30 16.19
CA TRP D 107 -25.81 26.12 15.42
C TRP D 107 -25.76 24.85 16.27
N GLY D 108 -26.37 23.78 15.75
CA GLY D 108 -26.36 22.50 16.42
C GLY D 108 -25.32 21.56 15.81
N GLN D 109 -25.02 20.48 16.55
CA GLN D 109 -24.00 19.56 16.06
C GLN D 109 -24.42 18.89 14.75
N GLY D 110 -25.72 18.79 14.47
CA GLY D 110 -26.21 18.10 13.30
C GLY D 110 -26.79 16.73 13.66
N THR D 111 -27.63 16.22 12.77
CA THR D 111 -28.20 14.89 12.97
C THR D 111 -28.52 14.27 11.63
N THR D 112 -28.17 13.00 11.46
CA THR D 112 -28.26 12.36 10.15
C THR D 112 -29.56 11.58 10.03
N VAL D 113 -30.24 11.76 8.91
CA VAL D 113 -31.52 11.14 8.61
C VAL D 113 -31.39 10.49 7.24
N ILE D 114 -31.49 9.17 7.19
CA ILE D 114 -31.36 8.43 5.95
C ILE D 114 -32.73 7.86 5.62
N VAL D 115 -33.25 8.20 4.45
CA VAL D 115 -34.52 7.66 3.98
C VAL D 115 -34.21 6.65 2.89
N SER D 116 -34.55 5.39 3.14
CA SER D 116 -34.25 4.31 2.21
C SER D 116 -35.26 3.20 2.46
N SER D 117 -35.48 2.38 1.45
CA SER D 117 -36.41 1.27 1.57
C SER D 117 -35.73 -0.05 1.84
N ALA D 118 -34.43 -0.01 2.17
CA ALA D 118 -33.57 -1.17 2.11
C ALA D 118 -33.53 -1.91 3.44
N SER D 119 -33.64 -3.24 3.38
CA SER D 119 -33.24 -4.07 4.50
C SER D 119 -31.71 -4.17 4.46
N THR D 120 -31.08 -4.36 5.64
CA THR D 120 -29.65 -4.63 5.68
C THR D 120 -29.21 -5.73 4.70
N LYS D 121 -28.40 -5.37 3.70
CA LYS D 121 -27.85 -6.32 2.75
C LYS D 121 -26.37 -6.05 2.51
N GLY D 122 -25.62 -7.13 2.24
CA GLY D 122 -24.20 -7.05 2.01
C GLY D 122 -23.78 -6.80 0.57
N PRO D 123 -22.59 -6.22 0.39
CA PRO D 123 -22.21 -5.73 -0.93
C PRO D 123 -21.80 -6.83 -1.86
N SER D 124 -21.95 -6.57 -3.16
CA SER D 124 -21.45 -7.43 -4.23
C SER D 124 -20.21 -6.77 -4.85
N VAL D 125 -19.09 -7.48 -4.85
CA VAL D 125 -17.80 -6.91 -5.24
C VAL D 125 -17.48 -7.34 -6.65
N PHE D 126 -17.19 -6.37 -7.50
CA PHE D 126 -16.95 -6.65 -8.90
C PHE D 126 -15.58 -6.14 -9.29
N PRO D 127 -14.86 -6.85 -10.15
CA PRO D 127 -13.49 -6.44 -10.47
C PRO D 127 -13.48 -5.31 -11.49
N LEU D 128 -12.70 -4.28 -11.21
CA LEU D 128 -12.37 -3.31 -12.24
C LEU D 128 -11.07 -3.82 -12.84
N ALA D 129 -11.21 -4.70 -13.81
CA ALA D 129 -10.05 -5.37 -14.37
C ALA D 129 -9.12 -4.33 -14.98
N PRO D 130 -7.81 -4.42 -14.74
CA PRO D 130 -6.89 -3.46 -15.36
C PRO D 130 -6.77 -3.68 -16.85
N SER D 131 -7.86 -3.33 -17.54
CA SER D 131 -7.90 -3.38 -18.99
C SER D 131 -6.75 -2.62 -19.65
N SER D 132 -6.07 -1.74 -18.90
CA SER D 132 -4.93 -0.99 -19.40
C SER D 132 -3.95 -1.92 -20.09
N LYS D 133 -3.84 -1.75 -21.40
CA LYS D 133 -2.78 -2.34 -22.21
C LYS D 133 -1.65 -1.36 -22.44
N SER D 134 -1.66 -0.22 -21.75
CA SER D 134 -0.50 0.66 -21.67
C SER D 134 0.43 0.06 -20.61
N THR D 135 0.72 -1.24 -20.78
CA THR D 135 1.65 -2.01 -19.96
C THR D 135 3.08 -1.96 -20.51
N SER D 136 3.44 -0.86 -21.16
CA SER D 136 4.76 -0.67 -21.77
C SER D 136 5.65 0.14 -20.82
N GLY D 137 6.35 -0.55 -19.92
CA GLY D 137 7.33 0.07 -19.05
C GLY D 137 6.78 1.20 -18.21
N GLY D 138 5.57 1.04 -17.68
CA GLY D 138 4.87 2.11 -16.97
C GLY D 138 3.95 1.56 -15.91
N THR D 139 2.83 2.27 -15.71
CA THR D 139 1.92 2.01 -14.59
C THR D 139 0.47 1.87 -15.07
N ALA D 140 -0.15 0.72 -14.76
CA ALA D 140 -1.58 0.53 -14.92
C ALA D 140 -2.30 0.72 -13.58
N ALA D 141 -3.65 0.76 -13.65
CA ALA D 141 -4.51 0.87 -12.46
C ALA D 141 -5.65 -0.16 -12.52
N LEU D 142 -6.08 -0.61 -11.34
CA LEU D 142 -7.13 -1.61 -11.18
C LEU D 142 -7.89 -1.36 -9.89
N GLY D 143 -9.04 -2.04 -9.74
CA GLY D 143 -9.90 -1.71 -8.62
C GLY D 143 -11.07 -2.66 -8.40
N CYS D 144 -11.86 -2.31 -7.39
CA CYS D 144 -13.06 -3.03 -6.96
C CYS D 144 -14.28 -2.13 -6.99
N LEU D 145 -15.39 -2.65 -7.47
CA LEU D 145 -16.67 -1.96 -7.42
C LEU D 145 -17.52 -2.62 -6.33
N VAL D 146 -17.65 -1.96 -5.18
CA VAL D 146 -18.39 -2.50 -4.05
C VAL D 146 -19.81 -1.99 -4.15
N LYS D 147 -20.72 -2.86 -4.51
CA LYS D 147 -21.98 -2.38 -5.04
C LYS D 147 -23.17 -2.95 -4.28
N ASP D 148 -24.17 -2.08 -4.07
CA ASP D 148 -25.49 -2.44 -3.55
C ASP D 148 -25.47 -2.95 -2.12
N TYR D 149 -25.03 -2.13 -1.16
CA TYR D 149 -25.02 -2.53 0.24
C TYR D 149 -25.77 -1.49 1.07
N PHE D 150 -26.09 -1.84 2.29
CA PHE D 150 -26.80 -0.92 3.18
C PHE D 150 -26.77 -1.52 4.58
N PRO D 151 -26.61 -0.73 5.64
CA PRO D 151 -26.29 0.69 5.68
C PRO D 151 -24.82 0.82 5.44
N GLU D 152 -24.28 2.01 5.62
CA GLU D 152 -22.83 2.13 5.65
C GLU D 152 -22.31 1.66 7.01
N PRO D 153 -21.01 1.36 7.13
CA PRO D 153 -19.92 1.39 6.16
C PRO D 153 -19.38 0.02 5.69
N VAL D 154 -18.53 0.05 4.65
CA VAL D 154 -17.71 -1.09 4.28
C VAL D 154 -16.27 -0.59 4.27
N THR D 155 -15.36 -1.42 4.74
CA THR D 155 -13.93 -1.16 4.63
C THR D 155 -13.39 -1.95 3.45
N VAL D 156 -12.41 -1.37 2.77
CA VAL D 156 -11.77 -2.00 1.62
C VAL D 156 -10.28 -1.92 1.83
N SER D 157 -9.62 -3.07 1.93
CA SER D 157 -8.16 -3.16 1.96
C SER D 157 -7.66 -4.02 0.81
N TRP D 158 -6.38 -3.88 0.49
CA TRP D 158 -5.83 -4.59 -0.67
C TRP D 158 -4.73 -5.56 -0.25
N ASN D 159 -4.82 -6.78 -0.76
CA ASN D 159 -3.88 -7.84 -0.42
C ASN D 159 -3.74 -7.90 1.10
N SER D 160 -4.89 -7.95 1.74
CA SER D 160 -5.01 -8.18 3.18
C SER D 160 -4.19 -7.18 3.97
N GLY D 161 -4.19 -5.92 3.53
CA GLY D 161 -3.51 -4.87 4.24
C GLY D 161 -2.07 -4.65 3.85
N ALA D 162 -1.48 -5.61 3.13
CA ALA D 162 -0.08 -5.51 2.75
C ALA D 162 0.17 -4.31 1.85
N LEU D 163 -0.72 -4.11 0.87
CA LEU D 163 -0.65 -3.03 -0.09
C LEU D 163 -1.55 -1.89 0.40
N THR D 164 -0.94 -0.71 0.65
CA THR D 164 -1.68 0.49 1.03
C THR D 164 -1.30 1.74 0.26
N SER D 165 -0.12 1.81 -0.33
CA SER D 165 0.35 3.03 -0.96
C SER D 165 -0.29 3.16 -2.35
N GLY D 166 -0.94 4.30 -2.57
CA GLY D 166 -1.64 4.55 -3.82
C GLY D 166 -3.08 4.10 -3.89
N VAL D 167 -3.68 3.70 -2.79
CA VAL D 167 -5.05 3.19 -2.79
C VAL D 167 -6.01 4.36 -2.60
N HIS D 168 -7.02 4.44 -3.46
CA HIS D 168 -8.05 5.46 -3.36
C HIS D 168 -9.40 4.75 -3.24
N THR D 169 -10.09 4.99 -2.13
CA THR D 169 -11.46 4.53 -1.94
C THR D 169 -12.44 5.70 -2.06
N PHE D 170 -13.37 5.58 -2.93
CA PHE D 170 -14.20 6.74 -3.10
C PHE D 170 -15.33 6.74 -2.08
N PRO D 171 -15.87 7.90 -1.73
CA PRO D 171 -16.95 7.93 -0.75
C PRO D 171 -18.19 7.25 -1.32
N ALA D 172 -18.90 6.55 -0.46
CA ALA D 172 -20.08 5.86 -0.92
C ALA D 172 -21.15 6.88 -1.26
N VAL D 173 -21.77 6.70 -2.43
CA VAL D 173 -22.96 7.46 -2.82
C VAL D 173 -24.18 6.55 -2.66
N LEU D 174 -25.16 7.02 -1.91
CA LEU D 174 -26.44 6.33 -1.78
C LEU D 174 -27.23 6.51 -3.07
N GLN D 175 -27.39 5.44 -3.82
CA GLN D 175 -28.02 5.53 -5.12
C GLN D 175 -29.54 5.49 -4.97
N SER D 176 -30.23 5.76 -6.08
CA SER D 176 -31.69 5.83 -6.06
C SER D 176 -32.34 4.49 -5.74
N SER D 177 -31.60 3.38 -5.83
CA SER D 177 -32.16 2.10 -5.42
C SER D 177 -32.30 1.99 -3.90
N GLY D 178 -31.81 2.96 -3.14
CA GLY D 178 -31.81 2.88 -1.69
C GLY D 178 -30.58 2.21 -1.11
N LEU D 179 -29.70 1.69 -1.96
CA LEU D 179 -28.47 1.03 -1.56
C LEU D 179 -27.28 1.93 -1.87
N TYR D 180 -26.25 1.82 -1.03
CA TYR D 180 -25.00 2.49 -1.30
C TYR D 180 -24.21 1.79 -2.38
N SER D 181 -23.16 2.47 -2.82
CA SER D 181 -22.23 1.91 -3.79
C SER D 181 -20.98 2.76 -3.75
N LEU D 182 -19.81 2.11 -3.72
CA LEU D 182 -18.52 2.79 -3.80
C LEU D 182 -17.54 1.99 -4.62
N SER D 183 -16.44 2.64 -5.02
CA SER D 183 -15.34 2.06 -5.78
C SER D 183 -14.03 2.31 -5.04
N SER D 184 -13.12 1.34 -5.14
CA SER D 184 -11.76 1.47 -4.64
C SER D 184 -10.79 1.13 -5.76
N VAL D 185 -9.68 1.86 -5.84
CA VAL D 185 -8.71 1.67 -6.90
C VAL D 185 -7.29 1.75 -6.36
N VAL D 186 -6.36 1.13 -7.09
CA VAL D 186 -4.92 1.27 -6.85
C VAL D 186 -4.19 1.22 -8.19
N THR D 187 -3.11 1.99 -8.28
CA THR D 187 -2.22 1.95 -9.43
C THR D 187 -1.00 1.11 -9.09
N VAL D 188 -0.61 0.26 -10.04
CA VAL D 188 0.44 -0.74 -9.88
C VAL D 188 1.34 -0.72 -11.12
N PRO D 189 2.57 -1.23 -11.00
CA PRO D 189 3.41 -1.33 -12.19
C PRO D 189 2.83 -2.39 -13.11
N SER D 190 2.64 -2.01 -14.38
CA SER D 190 2.00 -2.94 -15.30
C SER D 190 2.89 -4.14 -15.60
N SER D 191 4.19 -4.00 -15.34
CA SER D 191 5.13 -5.12 -15.45
C SER D 191 4.70 -6.28 -14.56
N SER D 192 4.24 -6.00 -13.33
CA SER D 192 3.90 -7.02 -12.38
C SER D 192 2.47 -7.50 -12.53
N LEU D 193 1.83 -7.20 -13.66
CA LEU D 193 0.42 -7.53 -13.82
C LEU D 193 0.17 -9.02 -13.68
N GLY D 194 0.71 -9.82 -14.59
CA GLY D 194 0.39 -11.23 -14.65
C GLY D 194 0.90 -12.08 -13.48
N THR D 195 1.82 -11.55 -12.67
CA THR D 195 2.46 -12.36 -11.65
C THR D 195 2.05 -12.00 -10.22
N GLN D 196 2.22 -10.75 -9.81
CA GLN D 196 1.77 -10.33 -8.49
C GLN D 196 0.24 -10.40 -8.43
N THR D 197 -0.28 -10.97 -7.36
CA THR D 197 -1.73 -11.08 -7.19
C THR D 197 -2.29 -9.91 -6.41
N TYR D 198 -3.44 -9.40 -6.87
CA TYR D 198 -4.13 -8.27 -6.27
C TYR D 198 -5.53 -8.70 -5.85
N ILE D 199 -5.81 -8.64 -4.54
CA ILE D 199 -7.08 -9.04 -3.96
C ILE D 199 -7.52 -7.90 -3.08
N CYS D 200 -8.66 -7.31 -3.38
CA CYS D 200 -9.26 -6.35 -2.48
C CYS D 200 -10.18 -7.09 -1.51
N ASN D 201 -10.06 -6.76 -0.23
CA ASN D 201 -10.82 -7.41 0.81
C ASN D 201 -11.84 -6.42 1.35
N VAL D 202 -13.10 -6.80 1.30
CA VAL D 202 -14.24 -5.94 1.62
C VAL D 202 -14.91 -6.52 2.85
N ASN D 203 -15.06 -5.72 3.89
CA ASN D 203 -15.72 -6.16 5.10
C ASN D 203 -16.89 -5.22 5.41
N HIS D 204 -18.09 -5.78 5.54
CA HIS D 204 -19.31 -5.06 5.88
C HIS D 204 -19.84 -5.64 7.19
N LYS D 205 -19.37 -5.10 8.32
CA LYS D 205 -19.73 -5.65 9.63
C LYS D 205 -21.25 -5.79 9.84
N PRO D 206 -22.09 -4.84 9.41
CA PRO D 206 -23.54 -5.01 9.61
C PRO D 206 -24.12 -6.29 9.03
N SER D 207 -23.63 -6.77 7.90
CA SER D 207 -24.18 -8.00 7.34
C SER D 207 -23.26 -9.21 7.54
N ASN D 208 -22.30 -9.15 8.47
CA ASN D 208 -21.33 -10.24 8.68
C ASN D 208 -20.69 -10.67 7.37
N THR D 209 -20.40 -9.72 6.52
CA THR D 209 -19.94 -10.04 5.18
C THR D 209 -18.48 -9.63 5.06
N LYS D 210 -17.62 -10.63 4.97
CA LYS D 210 -16.26 -10.44 4.50
C LYS D 210 -16.20 -11.17 3.17
N VAL D 211 -15.62 -10.51 2.17
CA VAL D 211 -15.63 -10.99 0.80
C VAL D 211 -14.32 -10.57 0.19
N ASP D 212 -13.62 -11.50 -0.47
CA ASP D 212 -12.35 -11.18 -1.12
C ASP D 212 -12.50 -11.46 -2.60
N LYS D 213 -12.09 -10.51 -3.43
CA LYS D 213 -12.13 -10.71 -4.86
C LYS D 213 -10.74 -10.58 -5.43
N LYS D 214 -10.45 -11.41 -6.40
CA LYS D 214 -9.22 -11.32 -7.15
C LYS D 214 -9.50 -10.46 -8.37
N VAL D 215 -8.65 -9.47 -8.59
CA VAL D 215 -8.73 -8.62 -9.77
C VAL D 215 -7.52 -8.96 -10.64
N GLU D 216 -7.78 -9.50 -11.81
CA GLU D 216 -6.73 -9.89 -12.75
C GLU D 216 -7.19 -9.53 -14.15
N PRO D 217 -6.26 -9.39 -15.10
CA PRO D 217 -6.59 -8.73 -16.38
C PRO D 217 -7.50 -9.55 -17.30
N LYS D 218 -8.32 -8.83 -18.07
CA LYS D 218 -9.30 -9.38 -19.02
C LYS D 218 -10.11 -10.53 -18.44
N ILE E 1 -35.07 35.66 -3.97
CA ILE E 1 -33.70 36.08 -4.27
C ILE E 1 -32.73 34.90 -4.21
N GLN E 2 -31.86 34.82 -5.21
CA GLN E 2 -30.98 33.68 -5.40
C GLN E 2 -29.53 34.13 -5.40
N LEU E 3 -28.66 33.33 -4.79
CA LEU E 3 -27.29 33.72 -4.47
C LEU E 3 -26.28 32.78 -5.13
N THR E 4 -25.13 33.34 -5.52
CA THR E 4 -24.10 32.57 -6.22
C THR E 4 -22.73 32.86 -5.62
N GLN E 5 -21.80 31.92 -5.81
CA GLN E 5 -20.44 32.10 -5.30
C GLN E 5 -19.50 31.83 -6.44
N SER E 6 -18.45 32.67 -6.56
CA SER E 6 -17.73 32.79 -7.83
C SER E 6 -16.82 31.59 -8.11
N PRO E 7 -15.79 31.32 -7.28
CA PRO E 7 -15.04 30.07 -7.44
C PRO E 7 -15.71 28.93 -6.67
N SER E 8 -16.15 27.86 -7.33
CA SER E 8 -16.52 26.68 -6.56
C SER E 8 -15.32 26.18 -5.75
N PHE E 9 -14.16 26.11 -6.39
CA PHE E 9 -12.94 25.66 -5.74
C PHE E 9 -11.89 26.72 -5.92
N LEU E 10 -11.12 26.99 -4.86
CA LEU E 10 -10.15 28.09 -4.87
C LEU E 10 -8.80 27.59 -4.37
N SER E 11 -7.80 27.58 -5.25
CA SER E 11 -6.47 27.14 -4.83
C SER E 11 -5.82 28.25 -4.04
N ALA E 12 -5.16 27.87 -2.94
CA ALA E 12 -4.48 28.88 -2.13
C ALA E 12 -3.52 28.18 -1.19
N SER E 13 -2.48 28.91 -0.76
CA SER E 13 -1.49 28.35 0.15
C SER E 13 -1.44 29.15 1.44
N VAL E 14 -0.94 28.49 2.50
CA VAL E 14 -0.80 29.17 3.78
C VAL E 14 -0.01 30.46 3.58
N GLY E 15 -0.55 31.55 4.10
CA GLY E 15 0.04 32.86 3.94
C GLY E 15 -0.65 33.74 2.91
N ASP E 16 -1.29 33.16 1.90
CA ASP E 16 -1.86 33.95 0.83
C ASP E 16 -3.06 34.78 1.30
N ARG E 17 -3.38 35.78 0.49
CA ARG E 17 -4.57 36.60 0.65
C ARG E 17 -5.64 36.04 -0.28
N VAL E 18 -6.74 35.54 0.29
CA VAL E 18 -7.77 34.89 -0.51
C VAL E 18 -9.01 35.76 -0.54
N THR E 19 -9.81 35.65 -1.61
CA THR E 19 -11.02 36.46 -1.76
C THR E 19 -12.13 35.66 -2.44
N ILE E 20 -13.31 35.60 -1.80
CA ILE E 20 -14.49 34.95 -2.36
C ILE E 20 -15.48 36.02 -2.77
N THR E 21 -16.26 35.74 -3.82
CA THR E 21 -17.26 36.70 -4.27
C THR E 21 -18.64 36.06 -4.30
N CYS E 22 -19.61 36.79 -3.81
CA CYS E 22 -21.01 36.38 -3.80
C CYS E 22 -21.77 37.41 -4.64
N ARG E 23 -22.68 36.93 -5.49
CA ARG E 23 -23.45 37.81 -6.36
C ARG E 23 -24.93 37.51 -6.18
N ALA E 24 -25.72 38.55 -5.95
CA ALA E 24 -27.13 38.43 -5.59
C ALA E 24 -28.07 38.66 -6.79
N SER E 25 -29.23 38.01 -6.73
CA SER E 25 -30.19 38.03 -7.83
C SER E 25 -30.66 39.47 -8.11
N GLN E 26 -31.20 40.14 -7.09
CA GLN E 26 -31.37 41.58 -7.20
C GLN E 26 -30.70 42.25 -5.99
N GLY E 27 -30.93 43.54 -5.79
CA GLY E 27 -30.21 44.30 -4.76
C GLY E 27 -30.77 44.10 -3.37
N ILE E 28 -29.91 43.68 -2.45
CA ILE E 28 -30.27 43.44 -1.05
C ILE E 28 -29.24 44.21 -0.23
N SER E 29 -29.49 45.48 0.03
CA SER E 29 -28.42 46.44 0.25
C SER E 29 -27.24 45.88 1.05
N SER E 30 -27.46 45.46 2.29
CA SER E 30 -26.37 44.84 3.04
C SER E 30 -26.80 43.63 3.84
N ASP E 31 -27.94 43.04 3.53
CA ASP E 31 -28.44 41.91 4.30
C ASP E 31 -27.77 40.64 3.79
N LEU E 32 -26.44 40.56 4.02
CA LEU E 32 -25.67 39.36 3.70
C LEU E 32 -24.74 38.98 4.86
N ALA E 33 -24.58 37.68 5.08
CA ALA E 33 -23.68 37.12 6.08
C ALA E 33 -22.89 35.97 5.47
N TRP E 34 -21.71 35.68 6.05
CA TRP E 34 -20.80 34.64 5.56
C TRP E 34 -20.58 33.58 6.63
N TYR E 35 -20.72 32.31 6.26
CA TYR E 35 -20.51 31.19 7.17
C TYR E 35 -19.37 30.31 6.67
N GLN E 36 -18.64 29.70 7.61
CA GLN E 36 -17.56 28.78 7.31
C GLN E 36 -17.92 27.39 7.81
N GLN E 37 -17.65 26.35 7.01
CA GLN E 37 -17.94 24.97 7.40
C GLN E 37 -16.80 24.05 7.00
N LYS E 38 -16.23 23.34 7.96
CA LYS E 38 -15.30 22.27 7.67
C LYS E 38 -16.06 20.96 7.55
N PRO E 39 -15.45 19.90 7.01
CA PRO E 39 -16.20 18.67 6.75
C PRO E 39 -16.59 17.98 8.05
N GLY E 40 -17.87 17.57 8.11
CA GLY E 40 -18.47 16.99 9.28
C GLY E 40 -18.92 17.95 10.36
N LYS E 41 -18.58 19.24 10.30
CA LYS E 41 -18.88 20.13 11.41
C LYS E 41 -20.04 21.08 11.06
N ALA E 42 -20.60 21.67 12.10
CA ALA E 42 -21.68 22.62 11.91
C ALA E 42 -21.14 23.95 11.36
N PRO E 43 -21.93 24.64 10.54
CA PRO E 43 -21.47 25.93 10.02
C PRO E 43 -21.15 26.90 11.15
N LYS E 44 -20.20 27.77 10.89
CA LYS E 44 -19.74 28.75 11.86
C LYS E 44 -19.97 30.15 11.27
N LEU E 45 -20.65 31.01 12.00
CA LEU E 45 -20.88 32.36 11.49
C LEU E 45 -19.60 33.18 11.51
N LEU E 46 -19.36 33.94 10.44
CA LEU E 46 -18.17 34.79 10.33
C LEU E 46 -18.49 36.28 10.32
N ILE E 47 -19.30 36.72 9.37
CA ILE E 47 -19.60 38.12 9.15
C ILE E 47 -21.11 38.27 9.16
N TYR E 48 -21.59 39.37 9.71
CA TYR E 48 -22.98 39.71 9.53
C TYR E 48 -23.07 41.12 8.99
N ALA E 49 -24.24 41.45 8.42
CA ALA E 49 -24.48 42.76 7.82
C ALA E 49 -23.41 43.09 6.79
N ALA E 50 -22.85 42.04 6.18
CA ALA E 50 -21.91 42.08 5.06
C ALA E 50 -20.50 42.56 5.39
N SER E 51 -20.28 43.19 6.54
CA SER E 51 -18.92 43.59 6.86
C SER E 51 -18.53 43.53 8.33
N THR E 52 -19.49 43.28 9.24
CA THR E 52 -19.18 43.23 10.68
C THR E 52 -18.67 41.85 11.10
N LEU E 53 -17.62 41.85 11.93
CA LEU E 53 -16.98 40.61 12.37
C LEU E 53 -17.72 40.01 13.57
N GLN E 54 -18.34 38.85 13.39
CA GLN E 54 -18.95 38.16 14.53
C GLN E 54 -17.91 37.96 15.61
N SER E 55 -18.30 38.21 16.87
CA SER E 55 -17.31 38.28 17.94
C SER E 55 -16.58 36.95 18.14
N GLY E 56 -15.28 37.04 18.43
CA GLY E 56 -14.47 35.86 18.57
C GLY E 56 -13.98 35.27 17.26
N VAL E 57 -14.22 35.95 16.14
CA VAL E 57 -13.66 35.52 14.86
C VAL E 57 -12.34 36.26 14.66
N PRO E 58 -11.25 35.54 14.34
CA PRO E 58 -9.96 36.19 14.17
C PRO E 58 -10.07 37.35 13.19
N SER E 59 -9.37 38.44 13.49
CA SER E 59 -9.58 39.66 12.73
C SER E 59 -8.99 39.61 11.33
N ARG E 60 -8.40 38.47 10.91
CA ARG E 60 -7.95 38.29 9.53
C ARG E 60 -9.10 38.13 8.54
N PHE E 61 -10.35 38.03 9.01
CA PHE E 61 -11.52 37.95 8.15
C PHE E 61 -12.18 39.31 7.94
N SER E 62 -12.54 39.60 6.70
CA SER E 62 -13.06 40.90 6.32
C SER E 62 -14.25 40.71 5.41
N GLY E 63 -15.19 41.64 5.53
CA GLY E 63 -16.36 41.63 4.69
C GLY E 63 -16.42 42.95 3.94
N SER E 64 -16.62 42.88 2.64
CA SER E 64 -16.91 44.05 1.83
C SER E 64 -18.13 43.74 1.00
N GLY E 65 -18.82 44.79 0.56
CA GLY E 65 -19.91 44.60 -0.35
C GLY E 65 -21.16 45.33 0.06
N SER E 66 -21.92 45.77 -0.94
CA SER E 66 -23.25 46.32 -0.76
C SER E 66 -24.02 46.08 -2.05
N GLY E 67 -25.35 46.12 -1.95
CA GLY E 67 -26.16 45.95 -3.13
C GLY E 67 -26.12 44.51 -3.59
N THR E 68 -25.36 44.23 -4.66
CA THR E 68 -25.46 42.96 -5.34
C THR E 68 -24.16 42.15 -5.42
N GLU E 69 -23.02 42.72 -5.04
CA GLU E 69 -21.74 42.03 -5.11
C GLU E 69 -21.01 42.16 -3.79
N PHE E 70 -20.73 41.04 -3.15
CA PHE E 70 -20.08 41.04 -1.85
C PHE E 70 -18.84 40.17 -1.93
N THR E 71 -17.85 40.47 -1.09
CA THR E 71 -16.60 39.73 -1.07
C THR E 71 -16.20 39.43 0.37
N LEU E 72 -15.89 38.17 0.63
CA LEU E 72 -15.21 37.78 1.86
C LEU E 72 -13.72 37.67 1.60
N THR E 73 -12.92 38.07 2.57
CA THR E 73 -11.50 38.22 2.36
C THR E 73 -10.73 37.74 3.57
N ILE E 74 -9.88 36.73 3.38
CA ILE E 74 -8.94 36.30 4.40
C ILE E 74 -7.57 36.82 3.98
N SER E 75 -6.98 37.70 4.82
CA SER E 75 -5.79 38.46 4.43
C SER E 75 -4.54 37.59 4.37
N SER E 76 -4.30 36.78 5.42
CA SER E 76 -3.21 35.81 5.40
C SER E 76 -3.83 34.50 5.82
N LEU E 77 -4.09 33.63 4.83
CA LEU E 77 -4.67 32.33 5.10
C LEU E 77 -3.88 31.60 6.17
N GLN E 78 -4.56 30.74 6.89
CA GLN E 78 -3.96 29.92 7.94
C GLN E 78 -4.34 28.47 7.69
N PRO E 79 -3.68 27.53 8.36
CA PRO E 79 -4.11 26.14 8.20
C PRO E 79 -5.55 25.92 8.65
N GLU E 80 -5.99 26.59 9.72
CA GLU E 80 -7.34 26.32 10.22
C GLU E 80 -8.39 26.72 9.21
N ASP E 81 -8.03 27.55 8.24
CA ASP E 81 -8.99 28.23 7.40
C ASP E 81 -9.36 27.45 6.15
N PHE E 82 -8.75 26.29 5.91
CA PHE E 82 -9.13 25.51 4.73
C PHE E 82 -10.52 24.92 4.99
N ALA E 83 -11.50 25.36 4.22
CA ALA E 83 -12.88 24.95 4.44
C ALA E 83 -13.74 25.37 3.25
N THR E 84 -15.03 25.17 3.39
CA THR E 84 -16.04 25.68 2.48
C THR E 84 -16.71 26.89 3.12
N TYR E 85 -17.05 27.88 2.31
CA TYR E 85 -17.64 29.11 2.81
C TYR E 85 -18.93 29.38 2.04
N TYR E 86 -20.01 29.63 2.77
CA TYR E 86 -21.34 29.90 2.22
C TYR E 86 -21.76 31.31 2.58
N CYS E 87 -22.33 32.03 1.61
CA CYS E 87 -22.98 33.31 1.90
C CYS E 87 -24.48 33.11 2.05
N GLN E 88 -25.11 34.01 2.80
CA GLN E 88 -26.53 33.86 3.09
C GLN E 88 -27.16 35.24 3.20
N GLN E 89 -28.37 35.37 2.66
CA GLN E 89 -29.14 36.60 2.79
C GLN E 89 -29.75 36.69 4.18
N LEU E 90 -29.50 37.82 4.86
CA LEU E 90 -30.11 38.05 6.17
C LEU E 90 -31.61 38.19 6.01
N ASN E 91 -32.35 37.28 6.62
CA ASN E 91 -33.76 37.09 6.34
C ASN E 91 -34.31 36.15 7.40
N SER E 92 -35.62 36.09 7.49
CA SER E 92 -36.27 35.02 8.23
C SER E 92 -37.09 34.10 7.35
N HIS E 93 -37.86 34.65 6.42
CA HIS E 93 -38.99 33.89 5.91
C HIS E 93 -38.64 32.93 4.78
N PRO E 94 -37.92 33.34 3.67
CA PRO E 94 -37.06 32.37 2.97
C PRO E 94 -35.61 32.57 3.41
N LEU E 95 -34.76 31.54 3.36
CA LEU E 95 -33.34 31.70 3.71
C LEU E 95 -32.50 31.24 2.53
N ALA E 96 -31.95 32.19 1.77
CA ALA E 96 -31.11 31.85 0.63
C ALA E 96 -29.68 31.63 1.08
N PHE E 97 -29.13 30.45 0.82
CA PHE E 97 -27.72 30.21 0.99
C PHE E 97 -27.05 30.21 -0.38
N GLY E 98 -25.73 30.37 -0.34
CA GLY E 98 -24.91 30.25 -1.51
C GLY E 98 -24.56 28.82 -1.86
N PRO E 99 -23.96 28.67 -3.06
CA PRO E 99 -23.47 27.35 -3.48
C PRO E 99 -22.28 26.88 -2.69
N GLY E 100 -21.53 27.78 -2.07
CA GLY E 100 -20.33 27.35 -1.41
C GLY E 100 -19.09 27.59 -2.26
N THR E 101 -18.01 27.99 -1.59
CA THR E 101 -16.70 28.11 -2.19
C THR E 101 -15.75 27.31 -1.32
N LYS E 102 -15.10 26.31 -1.91
CA LYS E 102 -14.15 25.46 -1.18
C LYS E 102 -12.74 25.96 -1.46
N VAL E 103 -11.95 26.08 -0.41
CA VAL E 103 -10.59 26.59 -0.52
C VAL E 103 -9.62 25.43 -0.30
N ASP E 104 -8.95 25.04 -1.41
CA ASP E 104 -7.95 23.99 -1.58
C ASP E 104 -6.61 24.36 -0.95
N ILE E 105 -5.78 23.34 -0.72
CA ILE E 105 -4.35 23.55 -0.53
C ILE E 105 -3.69 23.52 -1.90
N LYS E 106 -2.88 24.53 -2.19
CA LYS E 106 -2.28 24.70 -3.52
C LYS E 106 -1.13 23.71 -3.74
N ARG E 107 -0.99 23.31 -4.99
CA ARG E 107 -0.06 22.29 -5.42
C ARG E 107 0.29 22.66 -6.85
N THR E 108 1.43 22.17 -7.33
CA THR E 108 1.78 22.38 -8.73
C THR E 108 0.82 21.57 -9.63
N VAL E 109 0.44 22.17 -10.78
CA VAL E 109 -0.61 21.60 -11.65
C VAL E 109 -0.24 20.18 -12.07
N ALA E 110 -1.14 19.24 -11.81
CA ALA E 110 -0.95 17.83 -12.13
C ALA E 110 -2.10 17.36 -12.98
N ALA E 111 -1.83 16.95 -14.22
CA ALA E 111 -2.87 16.43 -15.08
C ALA E 111 -3.29 15.03 -14.61
N PRO E 112 -4.48 14.57 -14.96
CA PRO E 112 -4.94 13.27 -14.46
C PRO E 112 -4.55 12.10 -15.34
N SER E 113 -4.24 10.97 -14.69
CA SER E 113 -4.14 9.70 -15.40
C SER E 113 -5.53 9.11 -15.55
N VAL E 114 -5.90 8.75 -16.77
CA VAL E 114 -7.28 8.39 -17.10
C VAL E 114 -7.34 6.92 -17.49
N PHE E 115 -8.17 6.15 -16.79
CA PHE E 115 -8.34 4.73 -17.03
C PHE E 115 -9.82 4.44 -17.18
N ILE E 116 -10.16 3.49 -18.03
CA ILE E 116 -11.56 3.12 -18.22
C ILE E 116 -11.70 1.63 -17.96
N PHE E 117 -12.76 1.28 -17.25
CA PHE E 117 -12.97 -0.08 -16.79
C PHE E 117 -14.31 -0.57 -17.31
N PRO E 118 -14.33 -1.69 -18.02
CA PRO E 118 -15.59 -2.27 -18.49
C PRO E 118 -16.36 -2.91 -17.34
N PRO E 119 -17.66 -3.15 -17.50
CA PRO E 119 -18.36 -3.92 -16.49
C PRO E 119 -17.81 -5.33 -16.54
N SER E 120 -17.84 -6.01 -15.41
CA SER E 120 -17.36 -7.38 -15.39
C SER E 120 -18.45 -8.31 -15.91
N ASP E 121 -18.03 -9.45 -16.49
CA ASP E 121 -18.98 -10.51 -16.83
C ASP E 121 -19.85 -10.86 -15.63
N GLU E 122 -19.21 -10.99 -14.46
CA GLU E 122 -19.90 -11.41 -13.25
C GLU E 122 -21.06 -10.48 -12.94
N GLN E 123 -20.87 -9.16 -13.08
CA GLN E 123 -21.96 -8.21 -12.80
C GLN E 123 -23.07 -8.25 -13.86
N LEU E 124 -22.70 -8.41 -15.14
CA LEU E 124 -23.66 -8.48 -16.21
C LEU E 124 -24.60 -9.68 -16.10
N LYS E 125 -24.18 -10.75 -15.40
CA LYS E 125 -25.09 -11.85 -15.11
C LYS E 125 -26.40 -11.35 -14.53
N SER E 126 -26.31 -10.48 -13.50
CA SER E 126 -27.38 -9.87 -12.69
C SER E 126 -28.20 -8.74 -13.45
N GLY E 127 -28.04 -8.63 -14.77
CA GLY E 127 -28.86 -7.73 -15.55
C GLY E 127 -28.45 -6.26 -15.50
N THR E 128 -27.21 -5.95 -15.12
CA THR E 128 -26.76 -4.56 -15.01
C THR E 128 -25.30 -4.44 -15.45
N ALA E 129 -24.93 -3.27 -15.97
CA ALA E 129 -23.58 -2.96 -16.42
C ALA E 129 -23.10 -1.68 -15.76
N SER E 130 -21.81 -1.62 -15.47
CA SER E 130 -21.23 -0.46 -14.80
C SER E 130 -19.92 -0.12 -15.48
N VAL E 131 -19.88 0.96 -16.22
CA VAL E 131 -18.65 1.43 -16.83
C VAL E 131 -18.05 2.51 -15.93
N VAL E 132 -16.88 2.24 -15.40
CA VAL E 132 -16.23 3.17 -14.48
C VAL E 132 -15.12 3.90 -15.19
N CYS E 133 -14.91 5.15 -14.84
CA CYS E 133 -13.81 5.94 -15.38
C CYS E 133 -13.06 6.62 -14.24
N LEU E 134 -11.74 6.50 -14.25
CA LEU E 134 -10.91 6.95 -13.15
C LEU E 134 -10.07 8.13 -13.64
N LEU E 135 -10.09 9.21 -12.89
CA LEU E 135 -9.14 10.29 -13.04
C LEU E 135 -8.29 10.27 -11.80
N ASN E 136 -7.00 10.09 -11.95
CA ASN E 136 -6.19 9.78 -10.79
C ASN E 136 -5.13 10.85 -10.56
N ASN E 137 -5.14 11.44 -9.36
CA ASN E 137 -4.08 12.28 -8.82
C ASN E 137 -3.83 13.55 -9.66
N PHE E 138 -4.87 14.35 -9.88
CA PHE E 138 -4.79 15.59 -10.64
C PHE E 138 -4.88 16.79 -9.71
N TYR E 139 -4.24 17.95 -10.08
CA TYR E 139 -4.43 18.95 -9.05
C TYR E 139 -5.70 19.78 -9.17
N PRO E 140 -5.89 20.66 -10.15
CA PRO E 140 -7.02 21.60 -10.02
C PRO E 140 -8.31 20.81 -9.97
N ARG E 141 -9.06 21.00 -8.88
CA ARG E 141 -10.32 20.30 -8.67
C ARG E 141 -11.25 20.31 -9.89
N GLU E 142 -11.08 21.24 -10.81
CA GLU E 142 -11.94 21.34 -11.99
C GLU E 142 -11.60 20.27 -13.01
N ALA E 143 -12.63 19.57 -13.49
CA ALA E 143 -12.46 18.51 -14.48
C ALA E 143 -13.78 18.11 -15.16
N LYS E 144 -13.87 18.24 -16.46
CA LYS E 144 -15.08 17.80 -17.15
C LYS E 144 -14.92 16.35 -17.56
N VAL E 145 -15.92 15.53 -17.27
CA VAL E 145 -15.92 14.13 -17.68
C VAL E 145 -17.22 13.85 -18.42
N GLN E 146 -17.10 13.36 -19.66
CA GLN E 146 -18.24 13.18 -20.56
C GLN E 146 -18.22 11.75 -21.07
N TRP E 147 -19.31 11.01 -20.89
CA TRP E 147 -19.40 9.66 -21.43
C TRP E 147 -19.91 9.72 -22.85
N LYS E 148 -19.14 9.20 -23.80
CA LYS E 148 -19.56 9.07 -25.19
C LYS E 148 -19.66 7.59 -25.52
N VAL E 149 -20.80 7.15 -26.02
CA VAL E 149 -21.06 5.74 -26.28
C VAL E 149 -21.50 5.58 -27.72
N ASP E 150 -20.71 4.84 -28.51
CA ASP E 150 -20.85 4.76 -29.98
C ASP E 150 -20.72 6.15 -30.60
N ASN E 151 -19.97 7.03 -29.93
CA ASN E 151 -19.71 8.41 -30.31
C ASN E 151 -20.93 9.33 -30.16
N ALA E 152 -21.92 8.93 -29.34
CA ALA E 152 -23.00 9.79 -28.90
C ALA E 152 -22.72 10.25 -27.48
N LEU E 153 -22.84 11.54 -27.20
CA LEU E 153 -22.76 12.01 -25.83
C LEU E 153 -23.86 11.36 -24.99
N GLN E 154 -23.58 11.16 -23.70
CA GLN E 154 -24.56 10.69 -22.75
C GLN E 154 -24.67 11.67 -21.61
N SER E 155 -25.90 12.11 -21.33
CA SER E 155 -26.23 12.93 -20.19
C SER E 155 -27.18 12.17 -19.27
N GLY E 156 -26.90 12.23 -17.97
CA GLY E 156 -27.91 11.83 -17.00
C GLY E 156 -28.01 10.37 -16.65
N ASN E 157 -26.96 9.58 -16.86
CA ASN E 157 -26.85 8.26 -16.26
C ASN E 157 -25.47 8.02 -15.66
N SER E 158 -24.83 9.07 -15.15
CA SER E 158 -23.51 8.96 -14.53
C SER E 158 -23.50 9.68 -13.19
N GLN E 159 -22.61 9.20 -12.30
CA GLN E 159 -22.38 9.78 -10.97
C GLN E 159 -20.87 9.91 -10.74
N GLU E 160 -20.46 10.97 -10.06
CA GLU E 160 -19.06 11.21 -9.75
C GLU E 160 -18.84 11.11 -8.24
N SER E 161 -17.79 10.41 -7.82
CA SER E 161 -17.30 10.51 -6.46
C SER E 161 -15.89 11.06 -6.50
N VAL E 162 -15.44 11.62 -5.38
CA VAL E 162 -14.18 12.35 -5.30
C VAL E 162 -13.59 12.17 -3.91
N THR E 163 -12.34 11.75 -3.86
CA THR E 163 -11.61 11.76 -2.59
C THR E 163 -11.40 13.19 -2.12
N GLU E 164 -11.48 13.43 -0.82
CA GLU E 164 -11.01 14.74 -0.39
C GLU E 164 -9.49 14.80 -0.64
N GLN E 165 -8.96 16.02 -0.72
CA GLN E 165 -7.57 16.26 -1.13
C GLN E 165 -6.60 15.37 -0.36
N ASP E 166 -5.70 14.69 -1.07
CA ASP E 166 -4.78 13.75 -0.42
C ASP E 166 -3.77 14.48 0.45
N SER E 167 -3.59 13.97 1.67
CA SER E 167 -2.66 14.59 2.62
C SER E 167 -1.20 14.35 2.25
N LYS E 168 -0.94 13.48 1.29
CA LYS E 168 0.41 13.11 0.89
C LYS E 168 0.91 13.91 -0.32
N ASP E 169 0.08 14.08 -1.36
CA ASP E 169 0.51 14.78 -2.58
C ASP E 169 -0.37 15.96 -2.95
N SER E 170 -1.43 16.26 -2.16
CA SER E 170 -2.35 17.39 -2.36
C SER E 170 -3.08 17.31 -3.71
N THR E 171 -3.45 16.09 -4.15
CA THR E 171 -4.16 15.87 -5.41
C THR E 171 -5.51 15.23 -5.12
N TYR E 172 -6.36 15.21 -6.13
CA TYR E 172 -7.68 14.61 -6.09
C TYR E 172 -7.75 13.42 -7.03
N SER E 173 -8.61 12.47 -6.71
CA SER E 173 -8.94 11.42 -7.67
C SER E 173 -10.46 11.32 -7.75
N LEU E 174 -10.96 11.06 -8.96
CA LEU E 174 -12.39 11.15 -9.22
C LEU E 174 -12.83 9.93 -10.01
N SER E 175 -14.03 9.44 -9.73
CA SER E 175 -14.59 8.28 -10.39
C SER E 175 -15.99 8.61 -10.90
N SER E 176 -16.13 8.67 -12.22
CA SER E 176 -17.44 8.80 -12.86
C SER E 176 -17.92 7.42 -13.28
N THR E 177 -19.18 7.11 -12.97
CA THR E 177 -19.69 5.76 -13.18
C THR E 177 -20.95 5.78 -14.02
N LEU E 178 -20.88 5.16 -15.19
CA LEU E 178 -21.99 5.09 -16.12
C LEU E 178 -22.76 3.78 -15.91
N THR E 179 -24.06 3.88 -15.62
CA THR E 179 -24.91 2.73 -15.31
C THR E 179 -25.90 2.41 -16.43
N LEU E 180 -26.01 1.12 -16.75
CA LEU E 180 -26.85 0.63 -17.83
C LEU E 180 -27.47 -0.72 -17.46
N SER E 181 -28.55 -1.08 -18.14
CA SER E 181 -29.05 -2.44 -18.02
C SER E 181 -28.22 -3.35 -18.92
N LYS E 182 -28.11 -4.64 -18.52
CA LYS E 182 -27.35 -5.59 -19.33
C LYS E 182 -27.85 -5.59 -20.77
N ALA E 183 -29.18 -5.60 -20.94
CA ALA E 183 -29.76 -5.53 -22.28
C ALA E 183 -29.31 -4.26 -23.00
N ASP E 184 -29.45 -3.11 -22.33
CA ASP E 184 -29.07 -1.84 -22.94
C ASP E 184 -27.58 -1.81 -23.26
N TYR E 185 -26.75 -2.32 -22.35
CA TYR E 185 -25.31 -2.31 -22.57
C TYR E 185 -24.95 -3.02 -23.85
N GLU E 186 -25.76 -4.00 -24.25
CA GLU E 186 -25.48 -4.77 -25.46
C GLU E 186 -25.81 -4.00 -26.74
N LYS E 187 -26.72 -3.04 -26.68
CA LYS E 187 -27.16 -2.33 -27.87
C LYS E 187 -26.09 -1.38 -28.42
N HIS E 188 -24.96 -1.22 -27.73
CA HIS E 188 -23.90 -0.32 -28.16
C HIS E 188 -22.53 -0.99 -27.99
N LYS E 189 -21.55 -0.64 -28.86
CA LYS E 189 -20.25 -1.32 -28.87
C LYS E 189 -19.07 -0.56 -28.26
N VAL E 190 -18.91 0.75 -28.50
CA VAL E 190 -17.74 1.51 -28.08
C VAL E 190 -18.11 2.40 -26.90
N TYR E 191 -17.24 2.45 -25.90
CA TYR E 191 -17.50 3.20 -24.68
C TYR E 191 -16.29 4.05 -24.35
N ALA E 192 -16.46 5.38 -24.35
CA ALA E 192 -15.34 6.30 -24.23
C ALA E 192 -15.57 7.28 -23.10
N CYS E 193 -14.48 7.62 -22.43
CA CYS E 193 -14.48 8.54 -21.28
C CYS E 193 -13.60 9.74 -21.62
N GLU E 194 -14.21 10.84 -22.08
CA GLU E 194 -13.47 12.01 -22.54
C GLU E 194 -13.32 13.01 -21.40
N VAL E 195 -12.09 13.46 -21.19
CA VAL E 195 -11.72 14.19 -19.99
C VAL E 195 -11.09 15.51 -20.37
N THR E 196 -11.64 16.59 -19.81
CA THR E 196 -11.08 17.93 -19.97
C THR E 196 -10.47 18.35 -18.64
N HIS E 197 -9.21 18.77 -18.67
CA HIS E 197 -8.57 19.29 -17.48
C HIS E 197 -7.58 20.36 -17.88
N GLN E 198 -7.24 21.22 -16.93
CA GLN E 198 -6.31 22.30 -17.21
C GLN E 198 -4.94 21.77 -17.58
N GLY E 199 -4.52 20.67 -16.94
CA GLY E 199 -3.21 20.07 -17.17
C GLY E 199 -3.03 19.34 -18.51
N LEU E 200 -4.09 19.12 -19.29
CA LEU E 200 -3.97 18.55 -20.63
C LEU E 200 -4.10 19.63 -21.70
N SER E 201 -3.26 19.53 -22.73
CA SER E 201 -3.38 20.46 -23.85
C SER E 201 -4.71 20.28 -24.59
N SER E 202 -5.28 19.08 -24.59
CA SER E 202 -6.45 18.75 -25.40
C SER E 202 -7.21 17.63 -24.70
N PRO E 203 -8.50 17.44 -25.02
CA PRO E 203 -9.30 16.42 -24.33
C PRO E 203 -8.78 15.00 -24.57
N VAL E 204 -8.49 14.31 -23.45
CA VAL E 204 -8.03 12.92 -23.44
C VAL E 204 -9.22 11.97 -23.44
N THR E 205 -9.24 11.05 -24.41
CA THR E 205 -10.34 10.10 -24.54
C THR E 205 -9.83 8.68 -24.36
N LYS E 206 -10.08 8.09 -23.20
CA LYS E 206 -9.81 6.67 -22.99
C LYS E 206 -11.09 5.90 -23.25
N SER E 207 -11.00 4.83 -24.03
CA SER E 207 -12.19 4.12 -24.48
C SER E 207 -11.89 2.63 -24.59
N PHE E 208 -12.92 1.84 -24.81
CA PHE E 208 -12.75 0.44 -25.13
C PHE E 208 -13.87 -0.01 -26.05
N ASN E 209 -13.88 -1.30 -26.37
CA ASN E 209 -14.89 -1.95 -27.21
C ASN E 209 -15.34 -3.24 -26.54
N ARG E 210 -16.62 -3.57 -26.64
CA ARG E 210 -17.09 -4.78 -25.98
C ARG E 210 -16.79 -6.03 -26.82
N CYS F 3 -63.26 64.91 1.22
CA CYS F 3 -62.51 64.34 2.34
C CYS F 3 -61.02 64.57 2.19
N PRO F 4 -60.36 64.97 3.29
CA PRO F 4 -58.94 65.30 3.17
C PRO F 4 -58.12 64.04 3.08
N PHE F 5 -57.94 63.56 1.85
CA PHE F 5 -57.03 62.45 1.60
C PHE F 5 -55.70 62.93 1.07
N GLY F 6 -55.63 64.17 0.60
CA GLY F 6 -54.35 64.71 0.18
C GLY F 6 -53.37 64.84 1.33
N GLU F 7 -53.86 65.05 2.55
CA GLU F 7 -52.95 65.09 3.69
C GLU F 7 -52.26 63.74 3.86
N VAL F 8 -53.02 62.68 4.14
CA VAL F 8 -52.42 61.41 4.50
C VAL F 8 -51.69 60.78 3.32
N PHE F 9 -52.08 61.10 2.08
CA PHE F 9 -51.44 60.55 0.89
C PHE F 9 -50.29 61.41 0.40
N ASN F 10 -50.54 62.69 0.15
CA ASN F 10 -49.51 63.56 -0.38
C ASN F 10 -48.60 64.12 0.73
N ALA F 11 -48.55 63.46 1.90
CA ALA F 11 -47.69 63.90 2.99
C ALA F 11 -46.22 63.90 2.59
N THR F 12 -45.49 64.93 3.06
CA THR F 12 -44.09 65.08 2.66
C THR F 12 -43.20 64.08 3.38
N ARG F 13 -43.49 63.83 4.66
CA ARG F 13 -42.76 62.88 5.50
C ARG F 13 -43.72 61.79 5.94
N PHE F 14 -43.28 60.53 5.83
CA PHE F 14 -44.09 59.38 6.22
C PHE F 14 -43.53 58.72 7.48
N ALA F 15 -44.35 57.83 8.06
CA ALA F 15 -44.06 57.19 9.34
C ALA F 15 -43.48 55.78 9.19
N SER F 16 -42.70 55.37 10.19
CA SER F 16 -42.20 54.00 10.27
C SER F 16 -43.32 53.06 10.70
N VAL F 17 -43.17 51.78 10.34
CA VAL F 17 -44.29 50.86 10.51
C VAL F 17 -44.63 50.66 11.99
N TYR F 18 -43.63 50.52 12.84
CA TYR F 18 -43.93 50.20 14.24
C TYR F 18 -44.68 51.35 14.89
N ALA F 19 -44.28 52.58 14.60
CA ALA F 19 -44.91 53.81 15.09
C ALA F 19 -45.88 54.41 14.06
N TRP F 20 -46.83 53.62 13.56
CA TRP F 20 -47.68 54.04 12.47
C TRP F 20 -48.62 55.16 12.88
N ASN F 21 -48.90 56.06 11.92
CA ASN F 21 -49.75 57.21 12.14
C ASN F 21 -51.20 56.88 11.77
N ARG F 22 -52.13 57.40 12.56
CA ARG F 22 -53.56 57.26 12.28
C ARG F 22 -54.19 58.63 12.15
N LYS F 23 -54.87 58.86 11.02
CA LYS F 23 -55.67 60.07 10.83
C LYS F 23 -57.14 59.70 10.82
N ARG F 24 -57.94 60.50 11.51
CA ARG F 24 -59.38 60.33 11.50
C ARG F 24 -59.99 61.18 10.40
N ILE F 25 -61.10 60.70 9.84
CA ILE F 25 -61.88 61.45 8.87
C ILE F 25 -63.31 61.48 9.37
N SER F 26 -63.96 62.65 9.25
CA SER F 26 -65.28 62.85 9.86
C SER F 26 -66.32 63.44 8.90
N ASN F 27 -66.90 62.55 8.09
CA ASN F 27 -68.08 62.80 7.26
C ASN F 27 -67.92 64.03 6.37
N CYS F 28 -67.00 63.90 5.43
CA CYS F 28 -66.93 64.72 4.23
C CYS F 28 -67.51 63.89 3.08
N VAL F 29 -67.32 64.33 1.83
CA VAL F 29 -67.77 63.56 0.69
C VAL F 29 -67.13 62.16 0.75
N ALA F 30 -67.80 61.15 0.21
CA ALA F 30 -67.43 59.77 0.50
C ALA F 30 -66.87 58.96 -0.69
N ASP F 31 -67.47 59.02 -1.88
CA ASP F 31 -67.22 58.03 -2.95
C ASP F 31 -66.13 58.55 -3.89
N TYR F 32 -64.86 58.24 -3.57
CA TYR F 32 -63.71 58.84 -4.25
C TYR F 32 -62.99 57.87 -5.19
N SER F 33 -63.26 57.97 -6.49
CA SER F 33 -62.29 57.45 -7.46
C SER F 33 -61.02 58.29 -7.39
N VAL F 34 -59.92 57.65 -7.09
CA VAL F 34 -58.65 58.33 -6.91
C VAL F 34 -57.85 58.34 -8.22
N LEU F 35 -57.09 59.42 -8.39
CA LEU F 35 -56.09 59.51 -9.46
C LEU F 35 -54.81 58.81 -8.98
N TYR F 36 -54.50 57.65 -9.56
CA TYR F 36 -53.34 56.86 -9.15
C TYR F 36 -52.47 56.45 -10.34
N ASN F 37 -51.16 56.37 -10.09
CA ASN F 37 -50.22 55.84 -11.07
C ASN F 37 -49.70 54.45 -10.74
N SER F 38 -49.77 54.03 -9.49
CA SER F 38 -49.37 52.69 -9.09
C SER F 38 -50.31 52.27 -7.97
N ALA F 39 -50.31 50.97 -7.68
CA ALA F 39 -51.10 50.49 -6.55
C ALA F 39 -50.70 49.07 -6.17
N SER F 40 -51.27 48.65 -5.05
CA SER F 40 -51.52 47.29 -4.63
C SER F 40 -52.89 47.29 -3.96
N PHE F 41 -53.87 47.91 -4.65
CA PHE F 41 -55.11 48.47 -4.09
C PHE F 41 -56.11 47.38 -3.67
N SER F 42 -55.81 46.73 -2.54
CA SER F 42 -56.65 45.66 -2.00
C SER F 42 -57.97 46.23 -1.48
N THR F 43 -59.04 45.46 -1.63
CA THR F 43 -60.36 45.87 -1.15
C THR F 43 -61.06 44.67 -0.52
N PHE F 44 -61.84 44.94 0.54
CA PHE F 44 -62.48 43.84 1.27
C PHE F 44 -63.97 44.07 1.50
N LYS F 45 -64.61 45.00 0.78
CA LYS F 45 -66.07 44.95 0.61
C LYS F 45 -66.54 45.00 -0.84
N CYS F 46 -66.47 46.18 -1.47
CA CYS F 46 -66.83 46.41 -2.88
C CYS F 46 -66.82 47.92 -3.19
N TYR F 47 -67.15 48.29 -4.44
CA TYR F 47 -67.18 49.68 -4.89
C TYR F 47 -68.63 50.17 -4.85
N GLY F 48 -69.11 50.48 -3.64
CA GLY F 48 -70.47 50.94 -3.48
C GLY F 48 -70.54 52.14 -2.54
N VAL F 49 -71.76 52.71 -2.45
CA VAL F 49 -72.06 53.93 -1.72
C VAL F 49 -71.37 55.13 -2.36
N THR F 60 -69.78 55.43 10.17
CA THR F 60 -69.69 55.94 11.55
C THR F 60 -68.31 56.57 11.83
N ASN F 61 -67.26 55.95 11.30
CA ASN F 61 -65.91 56.50 11.41
C ASN F 61 -64.98 55.79 10.43
N VAL F 62 -64.09 56.58 9.83
CA VAL F 62 -63.15 56.10 8.81
C VAL F 62 -61.75 56.57 9.23
N TYR F 63 -60.77 55.64 9.16
CA TYR F 63 -59.39 55.87 9.56
C TYR F 63 -58.46 55.69 8.38
N ALA F 64 -57.39 56.49 8.36
CA ALA F 64 -56.29 56.31 7.42
C ALA F 64 -55.02 56.04 8.22
N ASP F 65 -54.59 54.78 8.25
CA ASP F 65 -53.31 54.41 8.84
C ASP F 65 -52.26 54.46 7.75
N SER F 66 -51.08 54.98 8.08
CA SER F 66 -50.04 55.09 7.08
C SER F 66 -48.69 54.73 7.67
N PHE F 67 -47.84 54.11 6.85
CA PHE F 67 -46.47 53.75 7.23
C PHE F 67 -45.71 53.41 5.96
N VAL F 68 -44.44 53.02 6.13
CA VAL F 68 -43.59 52.53 5.04
C VAL F 68 -43.07 51.15 5.42
N ILE F 69 -43.15 50.22 4.47
CA ILE F 69 -42.58 48.87 4.56
C ILE F 69 -41.81 48.59 3.27
N ARG F 70 -41.32 47.36 3.12
CA ARG F 70 -40.73 46.94 1.87
C ARG F 70 -41.77 46.21 1.02
N GLY F 71 -41.48 46.12 -0.27
CA GLY F 71 -42.46 45.59 -1.21
C GLY F 71 -42.85 44.16 -0.91
N ASP F 72 -41.85 43.30 -0.68
CA ASP F 72 -42.15 41.91 -0.39
C ASP F 72 -42.92 41.76 0.91
N GLU F 73 -43.14 42.87 1.62
CA GLU F 73 -43.92 42.86 2.83
C GLU F 73 -45.32 43.45 2.68
N VAL F 74 -45.60 44.17 1.58
CA VAL F 74 -46.94 44.75 1.36
C VAL F 74 -47.98 43.63 1.35
N ARG F 75 -47.57 42.41 0.97
CA ARG F 75 -48.50 41.30 0.97
C ARG F 75 -49.02 41.01 2.36
N GLN F 76 -48.29 41.43 3.40
CA GLN F 76 -48.69 41.11 4.77
C GLN F 76 -49.82 41.99 5.29
N ILE F 77 -50.14 43.09 4.61
CA ILE F 77 -51.18 44.01 5.09
C ILE F 77 -52.49 43.48 4.53
N ALA F 78 -53.02 42.47 5.21
CA ALA F 78 -54.25 41.80 4.82
C ALA F 78 -54.74 40.96 5.98
N PRO F 79 -56.06 40.75 6.11
CA PRO F 79 -56.54 39.89 7.19
C PRO F 79 -55.99 38.50 7.02
N GLY F 80 -55.78 37.83 8.15
CA GLY F 80 -55.26 36.47 8.18
C GLY F 80 -53.84 36.33 7.64
N GLN F 81 -52.93 37.17 8.09
CA GLN F 81 -51.57 37.18 7.57
C GLN F 81 -50.57 37.13 8.70
N THR F 82 -49.43 36.46 8.43
CA THR F 82 -48.34 36.31 9.39
C THR F 82 -47.03 36.76 8.77
N GLY F 83 -46.10 37.14 9.64
CA GLY F 83 -44.78 37.52 9.20
C GLY F 83 -44.23 38.62 10.07
N LYS F 84 -43.00 39.04 9.72
CA LYS F 84 -42.27 40.03 10.51
C LYS F 84 -43.13 41.25 10.80
N ILE F 85 -43.94 41.67 9.84
CA ILE F 85 -44.68 42.93 9.95
C ILE F 85 -46.04 42.73 10.63
N ALA F 86 -46.83 41.75 10.20
CA ALA F 86 -48.14 41.55 10.81
C ALA F 86 -48.04 41.03 12.24
N ASP F 87 -47.03 40.22 12.55
CA ASP F 87 -46.90 39.71 13.90
C ASP F 87 -46.50 40.82 14.88
N TYR F 88 -45.55 41.68 14.50
CA TYR F 88 -44.89 42.55 15.47
C TYR F 88 -45.02 44.03 15.19
N ASN F 89 -45.61 44.43 14.07
CA ASN F 89 -45.71 45.84 13.72
C ASN F 89 -47.13 46.33 13.47
N TYR F 90 -47.93 45.63 12.64
CA TYR F 90 -49.25 46.16 12.25
C TYR F 90 -50.14 45.01 11.80
N LYS F 91 -51.04 44.57 12.67
CA LYS F 91 -51.95 43.48 12.30
C LYS F 91 -53.32 44.00 11.90
N LEU F 92 -53.86 43.45 10.80
CA LEU F 92 -55.27 43.68 10.51
C LEU F 92 -56.10 42.50 11.00
N PRO F 93 -57.26 42.75 11.60
CA PRO F 93 -58.09 41.67 12.13
C PRO F 93 -58.68 40.82 11.01
N ASP F 94 -59.33 39.73 11.40
CA ASP F 94 -59.89 38.85 10.39
C ASP F 94 -61.21 39.37 9.81
N ASP F 95 -62.00 40.11 10.59
CA ASP F 95 -63.17 40.81 10.08
C ASP F 95 -62.83 42.20 9.57
N PHE F 96 -61.59 42.41 9.15
CA PHE F 96 -61.21 43.67 8.54
C PHE F 96 -62.12 43.91 7.35
N THR F 97 -62.53 45.15 7.18
CA THR F 97 -63.49 45.42 6.12
C THR F 97 -62.97 46.40 5.08
N GLY F 98 -62.21 47.41 5.51
CA GLY F 98 -61.78 48.50 4.65
C GLY F 98 -60.82 48.18 3.52
N CYS F 99 -59.99 49.15 3.14
CA CYS F 99 -59.17 49.06 1.93
C CYS F 99 -57.70 49.31 2.21
N VAL F 100 -56.85 48.70 1.38
CA VAL F 100 -55.40 48.66 1.57
C VAL F 100 -54.74 49.13 0.29
N ILE F 101 -53.95 50.20 0.38
CA ILE F 101 -53.43 50.94 -0.78
C ILE F 101 -51.93 51.16 -0.61
N ALA F 102 -51.16 50.88 -1.66
CA ALA F 102 -49.72 51.01 -1.54
C ALA F 102 -49.13 51.38 -2.90
N TRP F 103 -47.95 51.98 -2.86
CA TRP F 103 -47.29 52.37 -4.10
C TRP F 103 -45.79 52.50 -3.89
N ASN F 104 -45.02 52.30 -4.96
CA ASN F 104 -43.58 52.37 -4.84
C ASN F 104 -43.17 53.80 -4.49
N SER F 105 -42.17 53.90 -3.63
CA SER F 105 -41.70 55.17 -3.10
C SER F 105 -40.17 55.24 -3.16
N ASN F 106 -39.60 54.76 -4.25
CA ASN F 106 -38.14 54.74 -4.36
C ASN F 106 -37.57 56.13 -4.57
N ASN F 107 -38.37 57.06 -5.09
CA ASN F 107 -37.90 58.41 -5.34
C ASN F 107 -38.03 59.34 -4.13
N LEU F 108 -38.85 58.98 -3.14
CA LEU F 108 -39.09 59.83 -1.99
C LEU F 108 -38.43 59.36 -0.71
N ASP F 109 -38.37 58.05 -0.48
CA ASP F 109 -37.87 57.54 0.78
C ASP F 109 -36.58 56.75 0.63
N SER F 110 -35.91 56.84 -0.50
CA SER F 110 -34.59 56.25 -0.67
C SER F 110 -33.56 57.35 -0.81
N LYS F 111 -32.32 57.03 -0.42
CA LYS F 111 -31.19 57.93 -0.58
C LYS F 111 -30.01 57.11 -1.07
N VAL F 112 -29.04 57.79 -1.69
CA VAL F 112 -27.99 57.08 -2.43
C VAL F 112 -27.14 56.24 -1.47
N GLY F 113 -26.82 56.79 -0.28
CA GLY F 113 -26.20 55.98 0.75
C GLY F 113 -27.15 54.95 1.33
N GLY F 114 -28.41 55.34 1.52
CA GLY F 114 -29.39 54.53 2.19
C GLY F 114 -30.09 55.26 3.30
N ASN F 115 -31.40 55.43 3.18
CA ASN F 115 -32.18 56.14 4.17
C ASN F 115 -32.53 55.19 5.30
N TYR F 116 -32.17 55.58 6.52
CA TYR F 116 -32.39 54.76 7.71
C TYR F 116 -33.45 55.35 8.62
N ASN F 117 -34.12 56.42 8.20
CA ASN F 117 -35.25 56.99 8.93
C ASN F 117 -36.31 55.94 9.23
N TYR F 118 -36.51 54.97 8.33
CA TYR F 118 -37.61 54.01 8.46
C TYR F 118 -37.15 52.74 9.17
N LEU F 119 -37.88 52.36 10.21
CA LEU F 119 -37.52 51.26 11.10
C LEU F 119 -38.68 50.29 11.22
N TYR F 120 -38.36 49.10 11.69
CA TYR F 120 -39.34 48.07 12.03
C TYR F 120 -38.90 47.38 13.32
N ARG F 121 -39.87 46.77 13.99
CA ARG F 121 -39.60 46.00 15.19
C ARG F 121 -39.40 44.55 14.77
N LEU F 122 -38.24 43.99 15.12
CA LEU F 122 -37.86 42.63 14.75
C LEU F 122 -38.14 41.61 15.84
N PHE F 123 -38.06 42.00 17.11
CA PHE F 123 -38.22 41.07 18.21
C PHE F 123 -39.42 41.45 19.06
N ARG F 124 -40.16 40.43 19.47
CA ARG F 124 -41.31 40.65 20.33
C ARG F 124 -41.66 39.29 20.92
N LYS F 125 -42.03 39.25 22.20
CA LYS F 125 -42.34 37.96 22.80
C LYS F 125 -43.67 37.41 22.28
N SER F 126 -44.62 38.30 22.00
CA SER F 126 -45.98 37.96 21.63
C SER F 126 -46.40 38.81 20.45
N ASN F 127 -47.36 38.30 19.67
CA ASN F 127 -47.86 39.02 18.51
C ASN F 127 -48.65 40.26 18.91
N LEU F 128 -48.74 41.22 17.99
CA LEU F 128 -49.60 42.37 18.19
C LEU F 128 -51.06 41.97 18.11
N LYS F 129 -51.88 42.50 19.03
CA LYS F 129 -53.31 42.45 18.81
C LYS F 129 -53.64 43.42 17.68
N PRO F 130 -54.74 43.20 16.96
CA PRO F 130 -54.95 44.01 15.76
C PRO F 130 -55.07 45.50 16.09
N PHE F 131 -54.55 46.31 15.18
CA PHE F 131 -54.51 47.76 15.32
C PHE F 131 -53.81 48.20 16.61
N GLU F 132 -52.70 47.52 16.95
CA GLU F 132 -51.88 47.89 18.09
C GLU F 132 -50.64 48.65 17.64
N ARG F 133 -50.15 49.55 18.49
CA ARG F 133 -48.98 50.37 18.22
C ARG F 133 -48.07 50.27 19.43
N ASP F 134 -46.95 49.59 19.28
CA ASP F 134 -46.00 49.35 20.35
C ASP F 134 -44.80 50.25 20.08
N ILE F 135 -44.55 51.21 20.97
CA ILE F 135 -43.52 52.21 20.72
C ILE F 135 -42.31 52.04 21.64
N SER F 136 -42.27 51.02 22.49
CA SER F 136 -41.20 50.91 23.47
C SER F 136 -39.89 50.49 22.81
N THR F 137 -38.81 51.18 23.15
CA THR F 137 -37.49 50.79 22.70
C THR F 137 -36.78 49.93 23.74
N GLU F 138 -37.55 49.12 24.45
CA GLU F 138 -37.00 48.33 25.55
C GLU F 138 -36.13 47.20 25.01
N ILE F 139 -34.95 47.04 25.61
CA ILE F 139 -34.05 45.97 25.21
C ILE F 139 -34.78 44.64 25.26
N TYR F 140 -34.57 43.83 24.22
CA TYR F 140 -35.25 42.54 24.10
C TYR F 140 -34.42 41.46 24.77
N GLN F 141 -35.05 40.65 25.62
CA GLN F 141 -34.34 39.59 26.33
C GLN F 141 -34.55 38.27 25.56
N ALA F 142 -33.56 37.91 24.75
CA ALA F 142 -33.60 36.67 23.99
C ALA F 142 -33.13 35.47 24.79
N GLY F 143 -32.51 35.71 25.94
CA GLY F 143 -31.90 34.66 26.72
C GLY F 143 -32.65 34.39 28.01
N SER F 144 -32.17 33.36 28.72
CA SER F 144 -32.61 33.13 30.09
C SER F 144 -32.26 34.33 30.98
N THR F 145 -31.02 34.86 30.85
CA THR F 145 -30.44 35.94 31.65
C THR F 145 -31.01 37.31 31.25
N PRO F 146 -31.30 38.19 32.22
CA PRO F 146 -31.96 39.46 31.93
C PRO F 146 -31.01 40.62 31.68
N CYS F 147 -31.51 41.57 30.89
CA CYS F 147 -30.67 42.55 30.21
C CYS F 147 -30.39 43.81 31.00
N ASN F 148 -31.38 44.37 31.68
CA ASN F 148 -31.21 45.63 32.39
C ASN F 148 -30.76 46.74 31.45
N GLY F 149 -31.40 46.79 30.28
CA GLY F 149 -31.24 47.96 29.44
C GLY F 149 -29.84 48.15 28.93
N VAL F 150 -29.09 47.07 28.75
CA VAL F 150 -27.79 47.08 28.10
C VAL F 150 -27.80 46.09 26.94
N GLU F 151 -27.42 46.56 25.75
CA GLU F 151 -27.30 45.67 24.61
C GLU F 151 -26.14 44.70 24.84
N GLY F 152 -26.30 43.50 24.31
CA GLY F 152 -25.31 42.46 24.51
C GLY F 152 -25.81 41.16 23.93
N PHE F 153 -25.13 40.08 24.29
CA PHE F 153 -25.53 38.78 23.77
C PHE F 153 -26.84 38.37 24.43
N ASN F 154 -27.83 38.01 23.61
CA ASN F 154 -29.20 37.76 24.03
C ASN F 154 -29.90 39.00 24.57
N CYS F 155 -29.37 40.19 24.24
CA CYS F 155 -29.91 41.47 24.73
C CYS F 155 -29.95 42.42 23.55
N TYR F 156 -31.01 42.37 22.77
CA TYR F 156 -31.02 43.00 21.47
C TYR F 156 -31.96 44.18 21.47
N PHE F 157 -31.55 45.24 20.79
CA PHE F 157 -32.43 46.39 20.63
C PHE F 157 -33.59 45.99 19.72
N PRO F 158 -34.84 46.17 20.15
CA PRO F 158 -35.94 45.53 19.44
C PRO F 158 -36.19 46.11 18.05
N LEU F 159 -35.73 47.33 17.76
CA LEU F 159 -36.05 48.01 16.52
C LEU F 159 -34.86 47.96 15.57
N GLN F 160 -35.11 47.60 14.32
CA GLN F 160 -34.05 47.49 13.33
C GLN F 160 -34.30 48.43 12.17
N SER F 161 -33.22 48.76 11.47
CA SER F 161 -33.29 49.71 10.38
C SER F 161 -33.63 49.00 9.08
N TYR F 162 -34.34 49.70 8.21
CA TYR F 162 -34.49 49.27 6.82
C TYR F 162 -33.37 49.87 6.01
N GLY F 163 -32.68 49.05 5.22
CA GLY F 163 -31.68 49.61 4.34
C GLY F 163 -32.28 50.00 3.01
N PHE F 164 -32.52 51.28 2.78
CA PHE F 164 -33.26 51.74 1.61
C PHE F 164 -32.34 52.45 0.64
N GLN F 165 -31.72 51.69 -0.24
CA GLN F 165 -30.92 52.14 -1.36
C GLN F 165 -31.76 52.18 -2.61
N PRO F 166 -31.50 53.12 -3.53
CA PRO F 166 -32.15 53.06 -4.85
C PRO F 166 -31.76 51.83 -5.65
N THR F 167 -30.59 51.24 -5.34
CA THR F 167 -30.11 50.08 -6.06
C THR F 167 -30.86 48.80 -5.68
N ASN F 168 -31.67 48.82 -4.63
CA ASN F 168 -32.24 47.59 -4.12
C ASN F 168 -33.22 46.99 -5.12
N GLY F 169 -33.48 45.70 -4.94
CA GLY F 169 -34.56 45.09 -5.69
C GLY F 169 -35.90 45.70 -5.30
N VAL F 170 -36.89 45.43 -6.15
CA VAL F 170 -38.21 45.97 -5.94
C VAL F 170 -38.75 45.47 -4.61
N GLY F 171 -38.48 44.21 -4.29
CA GLY F 171 -38.88 43.69 -2.99
C GLY F 171 -38.30 44.51 -1.86
N TYR F 172 -37.04 44.93 -2.00
CA TYR F 172 -36.34 45.72 -1.00
C TYR F 172 -36.51 47.25 -1.18
N GLN F 173 -37.44 47.69 -2.03
CA GLN F 173 -37.63 49.12 -2.16
C GLN F 173 -38.80 49.58 -1.30
N PRO F 174 -38.82 50.86 -0.91
CA PRO F 174 -39.87 51.35 0.00
C PRO F 174 -41.20 51.56 -0.71
N TYR F 175 -42.26 51.03 -0.12
CA TYR F 175 -43.62 51.23 -0.58
C TYR F 175 -44.38 51.90 0.54
N ARG F 176 -45.09 52.98 0.24
CA ARG F 176 -45.94 53.66 1.22
C ARG F 176 -47.32 53.03 1.20
N VAL F 177 -47.89 52.82 2.38
CA VAL F 177 -49.11 52.04 2.54
C VAL F 177 -50.11 52.86 3.35
N VAL F 178 -51.39 52.82 2.94
CA VAL F 178 -52.47 53.48 3.64
C VAL F 178 -53.60 52.47 3.85
N VAL F 179 -54.12 52.40 5.07
CA VAL F 179 -55.13 51.40 5.42
C VAL F 179 -56.41 52.10 5.85
N LEU F 180 -57.48 51.88 5.11
CA LEU F 180 -58.76 52.50 5.37
C LEU F 180 -59.64 51.54 6.14
N SER F 181 -60.15 51.97 7.29
CA SER F 181 -60.94 51.14 8.19
C SER F 181 -62.35 51.71 8.36
N PHE F 182 -63.30 50.84 8.72
CA PHE F 182 -64.71 51.23 8.65
C PHE F 182 -65.50 51.06 9.94
#